data_3BNX
#
_entry.id   3BNX
#
_cell.length_a   61.894
_cell.length_b   147.374
_cell.length_c   84.206
_cell.angle_alpha   90.00
_cell.angle_beta   97.72
_cell.angle_gamma   90.00
#
_symmetry.space_group_name_H-M   'P 1 21 1'
#
loop_
_entity.id
_entity.type
_entity.pdbx_description
1 polymer 'Aristolochene synthase'
2 non-polymer BETA-MERCAPTOETHANOL
3 non-polymer 'FARNESYL DIPHOSPHATE'
4 non-polymer GLYCEROL
5 non-polymer 'MAGNESIUM ION'
6 non-polymer 'PYROPHOSPHATE 2-'
7 water water
#
_entity_poly.entity_id   1
_entity_poly.type   'polypeptide(L)'
_entity_poly.pdbx_seq_one_letter_code
;MKKPNGTNGASSSLEPPPSTFQPLCHPLVEEVSKEVDGYFLQHWNFPNEKARKKFVAAGFSRVTCLYFPKALDDRIHFAC
RLLTVLFLIDDLLEYMSFEEGSAYNEKLIPISRGDVLPDRSIPVEYIIYDLWESMRAHDREMADEILEPVFLFMRAQTDR
TRARPMGLGGYLEYRERDVGKELLAALMRFSMGLKLSPSELQRVREIDANCSKHLSVVNDIYSYEKELYTSKTAHSEGGI
LCTSVQILAQEADVTAEAAKRVLFVMCREWELRHQLLVARLSAEGLETPGLAAYVEGLEYQMSGNELWSQTTLRYSVVVD
;
_entity_poly.pdbx_strand_id   A,B,C,D
#
# COMPACT_ATOMS: atom_id res chain seq x y z
N SER A 13 25.80 -19.58 -5.44
CA SER A 13 24.95 -19.39 -4.22
C SER A 13 23.47 -19.32 -4.60
N LEU A 14 23.13 -18.36 -5.46
CA LEU A 14 21.77 -18.17 -5.93
C LEU A 14 21.50 -19.05 -7.14
N GLU A 15 20.85 -20.19 -6.92
CA GLU A 15 20.54 -21.10 -8.02
C GLU A 15 19.21 -20.71 -8.63
N PRO A 16 19.22 -20.19 -9.88
CA PRO A 16 17.93 -19.83 -10.49
C PRO A 16 17.07 -21.08 -10.58
N PRO A 17 15.76 -20.97 -10.34
CA PRO A 17 14.96 -22.19 -10.42
C PRO A 17 14.80 -22.63 -11.89
N PRO A 18 14.38 -23.90 -12.11
CA PRO A 18 14.18 -24.49 -13.44
C PRO A 18 13.31 -23.62 -14.35
N SER A 19 13.60 -23.65 -15.65
CA SER A 19 12.86 -22.84 -16.62
C SER A 19 12.69 -23.52 -17.98
N THR A 20 11.54 -23.30 -18.61
CA THR A 20 11.29 -23.89 -19.92
C THR A 20 11.84 -23.01 -21.04
N PHE A 21 12.41 -21.85 -20.69
CA PHE A 21 13.01 -20.94 -21.67
C PHE A 21 14.52 -21.14 -21.67
N GLN A 22 15.20 -20.63 -22.69
CA GLN A 22 16.64 -20.72 -22.81
C GLN A 22 17.20 -19.50 -23.56
N PRO A 23 18.39 -19.03 -23.16
CA PRO A 23 18.95 -17.86 -23.85
C PRO A 23 19.39 -18.24 -25.26
N LEU A 24 19.33 -17.29 -26.18
CA LEU A 24 19.70 -17.50 -27.59
C LEU A 24 20.30 -16.24 -28.17
N CYS A 25 21.42 -16.36 -28.87
CA CYS A 25 22.08 -15.20 -29.46
C CYS A 25 21.92 -15.15 -30.98
N HIS A 26 21.97 -13.95 -31.55
CA HIS A 26 21.83 -13.78 -33.00
C HIS A 26 23.09 -14.29 -33.72
N PRO A 27 22.91 -15.08 -34.79
CA PRO A 27 24.00 -15.66 -35.59
C PRO A 27 25.12 -14.69 -36.01
N LEU A 28 24.74 -13.57 -36.60
CA LEU A 28 25.70 -12.59 -37.06
C LEU A 28 26.38 -11.77 -35.98
N VAL A 29 26.15 -12.11 -34.72
CA VAL A 29 26.72 -11.34 -33.62
C VAL A 29 28.18 -10.92 -33.84
N GLU A 30 29.06 -11.85 -34.17
CA GLU A 30 30.47 -11.54 -34.39
C GLU A 30 30.70 -10.39 -35.37
N GLU A 31 30.23 -10.57 -36.60
CA GLU A 31 30.39 -9.56 -37.65
C GLU A 31 29.70 -8.24 -37.33
N VAL A 32 28.45 -8.32 -36.85
CA VAL A 32 27.69 -7.12 -36.52
C VAL A 32 28.45 -6.33 -35.46
N SER A 33 28.96 -7.05 -34.48
CA SER A 33 29.71 -6.43 -33.39
C SER A 33 30.92 -5.69 -33.95
N LYS A 34 31.70 -6.36 -34.80
CA LYS A 34 32.87 -5.75 -35.42
C LYS A 34 32.44 -4.51 -36.17
N GLU A 35 31.42 -4.66 -37.00
CA GLU A 35 30.89 -3.56 -37.82
C GLU A 35 30.44 -2.36 -37.00
N VAL A 36 29.64 -2.59 -35.96
CA VAL A 36 29.15 -1.49 -35.13
C VAL A 36 30.21 -0.94 -34.18
N ASP A 37 31.07 -1.80 -33.67
CA ASP A 37 32.13 -1.36 -32.76
C ASP A 37 33.06 -0.39 -33.49
N GLY A 38 33.59 -0.84 -34.62
CA GLY A 38 34.49 -0.01 -35.40
C GLY A 38 33.92 1.36 -35.70
N TYR A 39 32.63 1.39 -36.01
CA TYR A 39 31.98 2.65 -36.32
C TYR A 39 32.16 3.65 -35.18
N PHE A 40 31.77 3.23 -33.98
CA PHE A 40 31.89 4.10 -32.82
C PHE A 40 33.33 4.39 -32.43
N LEU A 41 34.21 3.43 -32.68
CA LEU A 41 35.62 3.62 -32.36
C LEU A 41 36.22 4.70 -33.26
N GLN A 42 35.63 4.90 -34.43
CA GLN A 42 36.10 5.93 -35.35
C GLN A 42 35.44 7.27 -35.11
N HIS A 43 34.17 7.25 -34.70
CA HIS A 43 33.43 8.49 -34.49
C HIS A 43 33.23 8.97 -33.07
N TRP A 44 32.97 8.04 -32.15
CA TRP A 44 32.75 8.42 -30.76
C TRP A 44 34.07 8.89 -30.16
N ASN A 45 34.04 10.08 -29.55
CA ASN A 45 35.24 10.66 -28.99
C ASN A 45 35.59 10.19 -27.59
N PHE A 46 36.28 9.05 -27.50
CA PHE A 46 36.71 8.52 -26.21
C PHE A 46 38.00 9.24 -25.85
N PRO A 47 38.09 9.82 -24.65
CA PRO A 47 39.30 10.54 -24.23
C PRO A 47 40.57 9.75 -24.50
N ASN A 48 40.81 8.74 -23.66
CA ASN A 48 42.00 7.91 -23.78
C ASN A 48 41.61 6.49 -24.18
N GLU A 49 42.60 5.62 -24.27
CA GLU A 49 42.33 4.23 -24.64
C GLU A 49 42.24 3.33 -23.42
N LYS A 50 41.26 3.58 -22.58
CA LYS A 50 41.02 2.76 -21.41
C LYS A 50 39.51 2.71 -21.42
N ALA A 51 38.94 3.66 -22.15
CA ALA A 51 37.50 3.76 -22.33
C ALA A 51 37.17 2.99 -23.58
N ARG A 52 38.12 2.97 -24.52
CA ARG A 52 37.95 2.23 -25.76
C ARG A 52 38.10 0.76 -25.40
N LYS A 53 38.95 0.50 -24.42
CA LYS A 53 39.18 -0.86 -23.95
C LYS A 53 37.88 -1.29 -23.26
N LYS A 54 37.44 -0.46 -22.33
CA LYS A 54 36.23 -0.71 -21.58
C LYS A 54 35.05 -0.83 -22.56
N PHE A 55 34.91 0.17 -23.43
CA PHE A 55 33.84 0.17 -24.41
C PHE A 55 33.75 -1.18 -25.11
N VAL A 56 34.84 -1.57 -25.76
CA VAL A 56 34.88 -2.83 -26.47
C VAL A 56 34.49 -3.96 -25.54
N ALA A 57 34.98 -3.88 -24.31
CA ALA A 57 34.70 -4.89 -23.30
C ALA A 57 33.20 -5.00 -23.01
N ALA A 58 32.53 -3.85 -22.99
CA ALA A 58 31.09 -3.80 -22.74
C ALA A 58 30.32 -4.51 -23.85
N GLY A 59 30.89 -4.51 -25.06
CA GLY A 59 30.25 -5.17 -26.19
C GLY A 59 28.74 -4.97 -26.28
N PHE A 60 28.32 -3.75 -26.54
CA PHE A 60 26.90 -3.45 -26.63
C PHE A 60 26.20 -4.19 -27.75
N SER A 61 26.94 -4.58 -28.79
CA SER A 61 26.35 -5.32 -29.92
C SER A 61 26.02 -6.75 -29.54
N ARG A 62 26.82 -7.34 -28.66
CA ARG A 62 26.55 -8.72 -28.25
C ARG A 62 25.34 -8.71 -27.30
N VAL A 63 25.21 -7.62 -26.55
CA VAL A 63 24.07 -7.46 -25.63
C VAL A 63 22.81 -7.47 -26.48
N THR A 64 22.83 -6.68 -27.56
CA THR A 64 21.69 -6.55 -28.48
C THR A 64 21.29 -7.86 -29.12
N CYS A 65 22.28 -8.62 -29.58
CA CYS A 65 22.01 -9.90 -30.24
C CYS A 65 21.52 -10.95 -29.25
N LEU A 66 21.72 -10.69 -27.97
CA LEU A 66 21.26 -11.60 -26.93
C LEU A 66 19.77 -11.31 -26.69
N TYR A 67 19.39 -10.03 -26.75
CA TYR A 67 18.01 -9.63 -26.54
C TYR A 67 17.13 -9.80 -27.78
N PHE A 68 17.71 -9.62 -28.96
CA PHE A 68 16.97 -9.73 -30.22
C PHE A 68 17.55 -10.82 -31.14
N PRO A 69 17.62 -12.07 -30.67
CA PRO A 69 18.17 -13.15 -31.49
C PRO A 69 17.45 -13.49 -32.80
N LYS A 70 16.15 -13.20 -32.87
CA LYS A 70 15.34 -13.49 -34.05
C LYS A 70 15.29 -12.32 -35.03
N ALA A 71 16.10 -11.31 -34.79
CA ALA A 71 16.12 -10.14 -35.67
C ALA A 71 16.53 -10.55 -37.09
N LEU A 72 16.23 -9.70 -38.06
CA LEU A 72 16.60 -9.96 -39.44
C LEU A 72 18.08 -9.63 -39.62
N ASP A 73 18.76 -10.39 -40.47
CA ASP A 73 20.18 -10.17 -40.70
C ASP A 73 20.54 -8.76 -41.14
N ASP A 74 19.69 -8.15 -41.96
CA ASP A 74 19.96 -6.82 -42.46
C ASP A 74 19.46 -5.70 -41.54
N ARG A 75 18.79 -6.06 -40.46
CA ARG A 75 18.31 -5.05 -39.54
C ARG A 75 19.02 -5.09 -38.20
N ILE A 76 19.42 -6.30 -37.78
CA ILE A 76 20.08 -6.45 -36.50
C ILE A 76 21.13 -5.38 -36.20
N HIS A 77 21.81 -4.87 -37.23
CA HIS A 77 22.83 -3.84 -36.99
C HIS A 77 22.21 -2.49 -36.62
N PHE A 78 21.05 -2.19 -37.17
CA PHE A 78 20.39 -0.92 -36.83
C PHE A 78 20.13 -0.93 -35.32
N ALA A 79 19.75 -2.09 -34.79
CA ALA A 79 19.47 -2.26 -33.36
C ALA A 79 20.73 -2.06 -32.51
N CYS A 80 21.81 -2.73 -32.89
CA CYS A 80 23.09 -2.63 -32.19
C CYS A 80 23.64 -1.22 -32.13
N ARG A 81 23.52 -0.49 -33.25
CA ARG A 81 24.04 0.86 -33.29
C ARG A 81 23.18 1.78 -32.42
N LEU A 82 21.87 1.56 -32.43
CA LEU A 82 20.97 2.38 -31.64
C LEU A 82 21.19 2.19 -30.14
N LEU A 83 21.26 0.94 -29.69
CA LEU A 83 21.46 0.67 -28.28
C LEU A 83 22.85 1.09 -27.82
N THR A 84 23.83 1.00 -28.73
CA THR A 84 25.19 1.41 -28.39
C THR A 84 25.23 2.89 -28.04
N VAL A 85 24.68 3.73 -28.91
CA VAL A 85 24.69 5.15 -28.64
C VAL A 85 23.83 5.49 -27.42
N LEU A 86 22.74 4.75 -27.22
CA LEU A 86 21.89 5.01 -26.06
C LEU A 86 22.62 4.65 -24.75
N PHE A 87 23.41 3.56 -24.78
CA PHE A 87 24.18 3.14 -23.62
C PHE A 87 25.24 4.20 -23.30
N LEU A 88 25.92 4.66 -24.34
CA LEU A 88 26.96 5.66 -24.22
C LEU A 88 26.42 6.97 -23.67
N ILE A 89 25.27 7.40 -24.18
CA ILE A 89 24.68 8.63 -23.70
C ILE A 89 24.29 8.45 -22.24
N ASP A 90 23.84 7.24 -21.91
CA ASP A 90 23.43 6.93 -20.55
C ASP A 90 24.58 7.21 -19.58
N ASP A 91 25.78 6.73 -19.90
CA ASP A 91 26.94 6.97 -19.05
C ASP A 91 27.30 8.45 -18.96
N LEU A 92 27.32 9.15 -20.08
CA LEU A 92 27.65 10.57 -20.08
C LEU A 92 26.65 11.29 -19.19
N LEU A 93 25.39 10.90 -19.29
CA LEU A 93 24.34 11.52 -18.50
C LEU A 93 24.65 11.45 -17.01
N GLU A 94 25.45 10.46 -16.62
CA GLU A 94 25.81 10.28 -15.22
C GLU A 94 26.66 11.43 -14.70
N TYR A 95 27.42 12.05 -15.59
CA TYR A 95 28.28 13.17 -15.22
C TYR A 95 27.65 14.49 -15.61
N MET A 96 26.32 14.59 -15.47
CA MET A 96 25.61 15.82 -15.82
C MET A 96 24.39 16.01 -14.92
N SER A 97 23.98 17.26 -14.75
CA SER A 97 22.82 17.57 -13.92
C SER A 97 21.52 17.25 -14.65
N PHE A 98 20.41 17.30 -13.93
CA PHE A 98 19.11 17.02 -14.51
C PHE A 98 18.82 17.99 -15.65
N GLU A 99 19.00 19.27 -15.36
CA GLU A 99 18.77 20.35 -16.32
C GLU A 99 19.69 20.22 -17.55
N GLU A 100 20.93 19.83 -17.30
CA GLU A 100 21.92 19.68 -18.36
C GLU A 100 21.62 18.48 -19.25
N GLY A 101 21.59 17.29 -18.64
CA GLY A 101 21.30 16.07 -19.40
C GLY A 101 20.02 16.19 -20.20
N SER A 102 19.02 16.84 -19.62
CA SER A 102 17.73 17.03 -20.27
C SER A 102 17.90 17.83 -21.55
N ALA A 103 18.52 19.00 -21.43
CA ALA A 103 18.75 19.86 -22.59
C ALA A 103 19.58 19.10 -23.63
N TYR A 104 20.55 18.32 -23.16
CA TYR A 104 21.41 17.54 -24.06
C TYR A 104 20.58 16.64 -24.97
N ASN A 105 19.78 15.75 -24.39
CA ASN A 105 18.96 14.83 -25.19
C ASN A 105 17.90 15.55 -26.00
N GLU A 106 17.35 16.62 -25.45
CA GLU A 106 16.31 17.36 -26.17
C GLU A 106 16.85 17.92 -27.47
N LYS A 107 18.15 18.21 -27.46
CA LYS A 107 18.86 18.76 -28.61
C LYS A 107 18.88 17.70 -29.72
N LEU A 108 19.02 16.45 -29.31
CA LEU A 108 19.09 15.33 -30.25
C LEU A 108 17.77 14.82 -30.83
N ILE A 109 16.64 15.20 -30.25
CA ILE A 109 15.37 14.70 -30.76
C ILE A 109 15.05 15.24 -32.16
N PRO A 110 15.11 16.57 -32.35
CA PRO A 110 14.81 17.09 -33.70
C PRO A 110 15.82 16.54 -34.71
N ILE A 111 17.05 16.31 -34.27
CA ILE A 111 18.09 15.77 -35.14
C ILE A 111 17.72 14.35 -35.53
N SER A 112 17.10 13.61 -34.60
CA SER A 112 16.69 12.24 -34.86
C SER A 112 15.55 12.20 -35.88
N ARG A 113 14.62 13.13 -35.75
CA ARG A 113 13.48 13.20 -36.65
C ARG A 113 13.93 13.64 -38.05
N GLY A 114 15.17 14.13 -38.13
CA GLY A 114 15.70 14.60 -39.40
C GLY A 114 15.24 16.01 -39.72
N ASP A 115 14.72 16.70 -38.73
CA ASP A 115 14.22 18.06 -38.89
C ASP A 115 15.32 19.09 -38.79
N VAL A 116 16.35 18.79 -38.00
CA VAL A 116 17.45 19.71 -37.84
C VAL A 116 18.76 19.07 -38.26
N LEU A 117 19.57 19.84 -38.99
CA LEU A 117 20.87 19.38 -39.44
C LEU A 117 21.74 19.26 -38.20
N PRO A 118 22.60 18.23 -38.15
CA PRO A 118 23.48 18.06 -37.00
C PRO A 118 24.74 18.91 -37.12
N ASP A 119 25.41 19.16 -36.00
CA ASP A 119 26.66 19.89 -36.04
C ASP A 119 27.66 18.79 -36.36
N ARG A 120 28.29 18.87 -37.52
CA ARG A 120 29.24 17.86 -37.97
C ARG A 120 30.50 17.80 -37.10
N SER A 121 30.67 18.78 -36.21
CA SER A 121 31.82 18.79 -35.32
C SER A 121 31.49 18.19 -33.93
N ILE A 122 30.28 17.64 -33.80
CA ILE A 122 29.85 17.00 -32.56
C ILE A 122 29.41 15.58 -32.91
N PRO A 123 30.27 14.58 -32.62
CA PRO A 123 29.95 13.19 -32.92
C PRO A 123 28.53 12.73 -32.59
N VAL A 124 28.16 12.80 -31.31
CA VAL A 124 26.82 12.38 -30.90
C VAL A 124 25.73 12.99 -31.77
N GLU A 125 25.92 14.25 -32.18
CA GLU A 125 24.92 14.91 -33.01
C GLU A 125 24.82 14.32 -34.42
N TYR A 126 25.93 14.15 -35.12
CA TYR A 126 25.84 13.61 -36.45
C TYR A 126 25.63 12.09 -36.48
N ILE A 127 26.10 11.40 -35.46
CA ILE A 127 25.92 9.95 -35.40
C ILE A 127 24.43 9.62 -35.28
N ILE A 128 23.72 10.39 -34.47
CA ILE A 128 22.29 10.19 -34.29
C ILE A 128 21.56 10.48 -35.60
N TYR A 129 21.86 11.64 -36.18
CA TYR A 129 21.25 12.06 -37.43
C TYR A 129 21.39 11.00 -38.51
N ASP A 130 22.63 10.61 -38.79
CA ASP A 130 22.89 9.62 -39.81
C ASP A 130 22.22 8.29 -39.54
N LEU A 131 22.10 7.92 -38.26
CA LEU A 131 21.49 6.64 -37.91
C LEU A 131 20.02 6.56 -38.33
N TRP A 132 19.24 7.57 -37.96
CA TRP A 132 17.83 7.58 -38.32
C TRP A 132 17.65 7.77 -39.82
N GLU A 133 18.44 8.66 -40.41
CA GLU A 133 18.37 8.87 -41.86
C GLU A 133 18.57 7.53 -42.54
N SER A 134 19.49 6.71 -42.04
CA SER A 134 19.73 5.39 -42.62
C SER A 134 18.56 4.46 -42.37
N MET A 135 17.97 4.53 -41.19
CA MET A 135 16.84 3.67 -40.87
C MET A 135 15.62 4.01 -41.73
N ARG A 136 15.32 5.29 -41.84
CA ARG A 136 14.18 5.73 -42.64
C ARG A 136 14.37 5.30 -44.09
N ALA A 137 15.62 5.09 -44.47
CA ALA A 137 15.92 4.65 -45.83
C ALA A 137 15.53 3.19 -46.02
N HIS A 138 15.94 2.33 -45.10
CA HIS A 138 15.65 0.90 -45.17
C HIS A 138 14.17 0.57 -45.06
N ASP A 139 13.43 1.33 -44.25
CA ASP A 139 12.01 1.11 -44.04
C ASP A 139 11.37 2.32 -43.38
N ARG A 140 11.15 3.35 -44.18
CA ARG A 140 10.56 4.61 -43.74
C ARG A 140 9.39 4.42 -42.78
N GLU A 141 8.49 3.51 -43.11
CA GLU A 141 7.31 3.25 -42.32
C GLU A 141 7.64 2.78 -40.90
N MET A 142 8.36 1.67 -40.79
CA MET A 142 8.72 1.13 -39.50
C MET A 142 9.70 2.02 -38.72
N ALA A 143 10.59 2.69 -39.46
CA ALA A 143 11.56 3.58 -38.83
C ALA A 143 10.83 4.68 -38.07
N ASP A 144 9.89 5.33 -38.73
CA ASP A 144 9.12 6.40 -38.11
C ASP A 144 8.35 5.85 -36.92
N GLU A 145 8.02 4.56 -36.98
CA GLU A 145 7.26 3.90 -35.93
C GLU A 145 7.96 3.83 -34.57
N ILE A 146 9.27 3.74 -34.56
CA ILE A 146 9.98 3.66 -33.29
C ILE A 146 10.59 4.99 -32.88
N LEU A 147 10.10 6.08 -33.47
CA LEU A 147 10.60 7.41 -33.14
C LEU A 147 10.15 7.77 -31.72
N GLU A 148 8.84 7.73 -31.49
CA GLU A 148 8.28 8.06 -30.18
C GLU A 148 8.81 7.17 -29.04
N PRO A 149 8.91 5.86 -29.28
CA PRO A 149 9.41 4.93 -28.24
C PRO A 149 10.82 5.33 -27.79
N VAL A 150 11.64 5.79 -28.73
CA VAL A 150 13.00 6.19 -28.40
C VAL A 150 12.99 7.52 -27.66
N PHE A 151 12.17 8.46 -28.11
CA PHE A 151 12.10 9.77 -27.46
C PHE A 151 11.55 9.69 -26.05
N LEU A 152 10.60 8.78 -25.84
CA LEU A 152 10.00 8.59 -24.52
C LEU A 152 11.10 8.12 -23.58
N PHE A 153 11.94 7.23 -24.09
CA PHE A 153 13.03 6.68 -23.31
C PHE A 153 14.10 7.71 -22.99
N MET A 154 14.50 8.48 -24.00
CA MET A 154 15.51 9.50 -23.83
C MET A 154 15.10 10.56 -22.82
N ARG A 155 13.84 10.97 -22.87
CA ARG A 155 13.32 11.97 -21.95
C ARG A 155 13.18 11.41 -20.53
N ALA A 156 13.11 10.08 -20.44
CA ALA A 156 12.97 9.42 -19.15
C ALA A 156 14.32 9.32 -18.47
N GLN A 157 15.39 9.34 -19.25
CA GLN A 157 16.75 9.24 -18.73
C GLN A 157 17.06 10.40 -17.77
N THR A 158 16.27 11.46 -17.81
CA THR A 158 16.55 12.62 -16.98
C THR A 158 15.56 13.06 -15.92
N ASP A 159 14.32 12.59 -15.97
CA ASP A 159 13.36 13.03 -14.95
C ASP A 159 13.58 12.37 -13.58
N ARG A 160 12.96 12.95 -12.55
CA ARG A 160 13.08 12.44 -11.19
C ARG A 160 11.91 11.53 -10.82
N THR A 161 12.17 10.52 -9.99
CA THR A 161 11.14 9.60 -9.56
C THR A 161 10.76 9.78 -8.09
N ARG A 162 9.77 10.63 -7.85
CA ARG A 162 9.28 10.92 -6.50
C ARG A 162 9.15 9.62 -5.71
N ALA A 163 9.73 9.59 -4.52
CA ALA A 163 9.66 8.40 -3.67
C ALA A 163 8.41 8.43 -2.81
N ARG A 164 7.69 7.31 -2.80
CA ARG A 164 6.47 7.19 -1.98
C ARG A 164 6.31 5.75 -1.51
N PRO A 165 5.48 5.53 -0.47
CA PRO A 165 5.26 4.19 0.05
C PRO A 165 4.73 3.31 -1.08
N MET A 166 5.30 2.13 -1.27
CA MET A 166 4.84 1.29 -2.34
C MET A 166 4.97 -0.19 -2.04
N GLY A 167 3.86 -0.91 -2.15
CA GLY A 167 3.87 -2.35 -1.92
C GLY A 167 4.30 -3.05 -3.19
N LEU A 168 4.27 -4.38 -3.19
CA LEU A 168 4.69 -5.16 -4.34
C LEU A 168 3.82 -4.83 -5.54
N GLY A 169 2.51 -4.86 -5.30
CA GLY A 169 1.54 -4.59 -6.36
C GLY A 169 1.79 -3.25 -7.05
N GLY A 170 1.90 -2.19 -6.26
CA GLY A 170 2.14 -0.87 -6.82
C GLY A 170 3.44 -0.82 -7.60
N TYR A 171 4.50 -1.41 -7.04
CA TYR A 171 5.79 -1.45 -7.70
C TYR A 171 5.73 -2.21 -9.02
N LEU A 172 5.12 -3.39 -9.00
CA LEU A 172 5.00 -4.21 -10.20
C LEU A 172 4.21 -3.53 -11.31
N GLU A 173 3.13 -2.85 -10.93
CA GLU A 173 2.29 -2.15 -11.90
C GLU A 173 3.07 -1.01 -12.56
N TYR A 174 3.88 -0.33 -11.76
CA TYR A 174 4.70 0.76 -12.27
C TYR A 174 5.71 0.19 -13.26
N ARG A 175 6.30 -0.96 -12.94
CA ARG A 175 7.27 -1.57 -13.86
C ARG A 175 6.61 -2.03 -15.15
N GLU A 176 5.31 -2.35 -15.11
CA GLU A 176 4.60 -2.79 -16.30
C GLU A 176 4.63 -1.69 -17.38
N ARG A 177 4.77 -0.44 -16.95
CA ARG A 177 4.81 0.67 -17.90
C ARG A 177 6.23 1.18 -18.15
N ASP A 178 7.22 0.35 -17.88
CA ASP A 178 8.63 0.74 -18.07
C ASP A 178 8.96 1.14 -19.51
N VAL A 179 9.27 2.41 -19.72
CA VAL A 179 9.61 2.90 -21.06
C VAL A 179 10.80 2.19 -21.68
N GLY A 180 11.72 1.72 -20.84
CA GLY A 180 12.88 0.99 -21.35
C GLY A 180 12.45 -0.33 -21.98
N LYS A 181 11.66 -1.11 -21.24
CA LYS A 181 11.16 -2.39 -21.75
C LYS A 181 10.29 -2.13 -22.97
N GLU A 182 9.53 -1.03 -22.95
CA GLU A 182 8.69 -0.64 -24.08
C GLU A 182 9.60 -0.42 -25.30
N LEU A 183 10.69 0.30 -25.09
CA LEU A 183 11.65 0.57 -26.17
C LEU A 183 12.14 -0.77 -26.73
N LEU A 184 12.48 -1.69 -25.84
CA LEU A 184 12.96 -3.01 -26.24
C LEU A 184 11.99 -3.74 -27.15
N ALA A 185 10.72 -3.77 -26.77
CA ALA A 185 9.67 -4.42 -27.54
C ALA A 185 9.55 -3.80 -28.92
N ALA A 186 9.45 -2.47 -28.97
CA ALA A 186 9.32 -1.76 -30.25
C ALA A 186 10.53 -1.95 -31.15
N LEU A 187 11.73 -1.97 -30.57
CA LEU A 187 12.92 -2.15 -31.37
C LEU A 187 12.94 -3.58 -31.89
N MET A 188 12.48 -4.51 -31.07
CA MET A 188 12.44 -5.90 -31.49
C MET A 188 11.54 -6.03 -32.70
N ARG A 189 10.37 -5.38 -32.67
CA ARG A 189 9.43 -5.43 -33.79
C ARG A 189 10.10 -4.85 -35.04
N PHE A 190 10.70 -3.68 -34.92
CA PHE A 190 11.37 -3.05 -36.05
C PHE A 190 12.46 -3.95 -36.61
N SER A 191 13.20 -4.60 -35.72
CA SER A 191 14.30 -5.48 -36.12
C SER A 191 13.85 -6.81 -36.74
N MET A 192 12.65 -7.25 -36.39
CA MET A 192 12.14 -8.51 -36.92
C MET A 192 11.20 -8.24 -38.10
N GLY A 193 11.07 -6.96 -38.45
CA GLY A 193 10.20 -6.58 -39.55
C GLY A 193 8.71 -6.81 -39.29
N LEU A 194 8.34 -6.96 -38.02
CA LEU A 194 6.93 -7.19 -37.66
C LEU A 194 6.10 -5.91 -37.57
N LYS A 195 5.25 -5.67 -38.56
CA LYS A 195 4.38 -4.49 -38.57
C LYS A 195 3.01 -4.93 -38.04
N LEU A 196 2.80 -4.73 -36.75
CA LEU A 196 1.54 -5.11 -36.12
C LEU A 196 0.50 -4.01 -36.12
N SER A 197 -0.75 -4.38 -36.34
CA SER A 197 -1.86 -3.43 -36.36
C SER A 197 -2.21 -3.11 -34.92
N PRO A 198 -2.96 -2.02 -34.69
CA PRO A 198 -3.35 -1.64 -33.34
C PRO A 198 -4.12 -2.77 -32.67
N SER A 199 -4.97 -3.44 -33.45
CA SER A 199 -5.77 -4.55 -32.96
C SER A 199 -4.86 -5.66 -32.44
N GLU A 200 -3.82 -5.95 -33.21
CA GLU A 200 -2.88 -7.00 -32.80
C GLU A 200 -2.16 -6.61 -31.51
N LEU A 201 -1.78 -5.33 -31.41
CA LEU A 201 -1.07 -4.83 -30.24
C LEU A 201 -2.01 -4.82 -29.03
N GLN A 202 -3.26 -4.40 -29.25
CA GLN A 202 -4.25 -4.36 -28.18
C GLN A 202 -4.50 -5.77 -27.67
N ARG A 203 -4.37 -6.73 -28.56
CA ARG A 203 -4.57 -8.13 -28.23
C ARG A 203 -3.45 -8.70 -27.37
N VAL A 204 -2.27 -8.12 -27.48
CA VAL A 204 -1.10 -8.61 -26.73
C VAL A 204 -0.76 -7.73 -25.52
N ARG A 205 -1.78 -7.04 -25.00
CA ARG A 205 -1.63 -6.14 -23.87
C ARG A 205 -1.16 -6.83 -22.59
N GLU A 206 -1.86 -7.90 -22.20
CA GLU A 206 -1.50 -8.63 -20.99
C GLU A 206 -0.13 -9.27 -21.08
N ILE A 207 0.19 -9.80 -22.26
CA ILE A 207 1.46 -10.47 -22.51
C ILE A 207 2.66 -9.52 -22.39
N ASP A 208 2.46 -8.30 -22.86
CA ASP A 208 3.51 -7.28 -22.77
C ASP A 208 3.76 -6.91 -21.30
N ALA A 209 2.67 -6.70 -20.57
CA ALA A 209 2.73 -6.32 -19.15
C ALA A 209 3.41 -7.39 -18.32
N ASN A 210 3.05 -8.64 -18.59
CA ASN A 210 3.61 -9.79 -17.91
C ASN A 210 5.12 -9.84 -18.16
N CYS A 211 5.51 -9.73 -19.42
CA CYS A 211 6.91 -9.76 -19.83
C CYS A 211 7.72 -8.61 -19.20
N SER A 212 7.12 -7.43 -19.19
CA SER A 212 7.74 -6.25 -18.64
C SER A 212 8.13 -6.49 -17.18
N LYS A 213 7.18 -7.01 -16.39
CA LYS A 213 7.47 -7.30 -15.01
C LYS A 213 8.63 -8.28 -14.90
N HIS A 214 8.56 -9.37 -15.67
CA HIS A 214 9.60 -10.40 -15.66
C HIS A 214 10.99 -9.81 -15.83
N LEU A 215 11.16 -9.00 -16.87
CA LEU A 215 12.44 -8.38 -17.16
C LEU A 215 12.95 -7.52 -16.00
N SER A 216 12.05 -6.71 -15.45
CA SER A 216 12.37 -5.80 -14.36
C SER A 216 12.77 -6.50 -13.06
N VAL A 217 11.99 -7.50 -12.66
CA VAL A 217 12.31 -8.23 -11.44
C VAL A 217 13.65 -8.96 -11.61
N VAL A 218 13.83 -9.65 -12.73
CA VAL A 218 15.09 -10.36 -12.96
C VAL A 218 16.24 -9.36 -12.83
N ASN A 219 16.06 -8.16 -13.39
CA ASN A 219 17.10 -7.13 -13.27
C ASN A 219 17.31 -6.79 -11.79
N ASP A 220 16.20 -6.62 -11.04
CA ASP A 220 16.26 -6.28 -9.61
C ASP A 220 17.06 -7.30 -8.82
N ILE A 221 16.76 -8.57 -9.06
CA ILE A 221 17.43 -9.65 -8.38
C ILE A 221 18.96 -9.56 -8.47
N TYR A 222 19.47 -9.21 -9.65
CA TYR A 222 20.91 -9.13 -9.85
C TYR A 222 21.55 -7.77 -9.65
N SER A 223 20.77 -6.71 -9.62
CA SER A 223 21.36 -5.38 -9.43
C SER A 223 21.24 -4.93 -7.98
N TYR A 224 20.63 -5.77 -7.14
CA TYR A 224 20.41 -5.43 -5.75
C TYR A 224 21.67 -5.04 -4.99
N GLU A 225 22.66 -5.94 -5.01
CA GLU A 225 23.93 -5.69 -4.33
C GLU A 225 24.48 -4.35 -4.80
N LYS A 226 24.47 -4.14 -6.12
CA LYS A 226 24.95 -2.90 -6.71
C LYS A 226 24.17 -1.70 -6.17
N GLU A 227 22.84 -1.82 -6.19
CA GLU A 227 21.99 -0.73 -5.71
C GLU A 227 22.26 -0.39 -4.24
N LEU A 228 22.91 -1.31 -3.52
CA LEU A 228 23.27 -1.05 -2.13
C LEU A 228 24.62 -0.33 -2.16
N TYR A 229 24.57 0.94 -2.51
CA TYR A 229 25.75 1.81 -2.60
C TYR A 229 26.12 2.45 -1.26
N THR A 230 25.23 3.31 -0.75
CA THR A 230 25.37 4.01 0.52
C THR A 230 26.76 4.60 0.85
N SER A 231 27.25 5.49 -0.01
CA SER A 231 28.55 6.11 0.19
C SER A 231 28.38 7.57 0.63
N LEU A 241 16.55 1.13 -2.41
CA LEU A 241 15.77 2.28 -2.83
C LEU A 241 14.42 1.85 -3.40
N CYS A 242 14.33 1.74 -4.73
CA CYS A 242 13.10 1.33 -5.38
C CYS A 242 13.32 0.02 -6.14
N THR A 243 13.01 -1.10 -5.50
CA THR A 243 13.20 -2.42 -6.12
C THR A 243 12.40 -3.53 -5.46
N SER A 244 11.94 -4.48 -6.28
CA SER A 244 11.14 -5.60 -5.79
C SER A 244 11.82 -6.37 -4.66
N VAL A 245 13.15 -6.44 -4.69
CA VAL A 245 13.90 -7.15 -3.65
C VAL A 245 13.73 -6.56 -2.24
N GLN A 246 13.91 -5.25 -2.11
CA GLN A 246 13.77 -4.61 -0.82
C GLN A 246 12.30 -4.62 -0.38
N ILE A 247 11.41 -4.29 -1.31
CA ILE A 247 9.98 -4.24 -1.01
C ILE A 247 9.43 -5.59 -0.52
N LEU A 248 9.75 -6.68 -1.21
CA LEU A 248 9.24 -7.97 -0.77
C LEU A 248 9.87 -8.39 0.54
N ALA A 249 11.17 -8.16 0.70
CA ALA A 249 11.86 -8.54 1.93
C ALA A 249 11.23 -7.84 3.13
N GLN A 250 10.86 -6.58 2.94
CA GLN A 250 10.26 -5.81 4.00
C GLN A 250 8.80 -6.26 4.25
N GLU A 251 8.08 -6.55 3.17
CA GLU A 251 6.68 -6.93 3.35
C GLU A 251 6.49 -8.33 3.94
N ALA A 252 7.43 -9.23 3.69
CA ALA A 252 7.32 -10.59 4.22
C ALA A 252 8.23 -10.77 5.43
N ASP A 253 8.99 -9.73 5.73
CA ASP A 253 9.95 -9.73 6.83
C ASP A 253 10.98 -10.86 6.72
N VAL A 254 11.70 -10.87 5.62
CA VAL A 254 12.73 -11.88 5.38
C VAL A 254 13.95 -11.16 4.82
N THR A 255 15.07 -11.86 4.68
CA THR A 255 16.27 -11.23 4.15
C THR A 255 16.08 -10.91 2.67
N ALA A 256 16.98 -10.07 2.15
CA ALA A 256 16.94 -9.72 0.74
C ALA A 256 17.23 -11.00 -0.05
N GLU A 257 18.18 -11.81 0.42
CA GLU A 257 18.50 -13.06 -0.26
C GLU A 257 17.27 -13.96 -0.38
N ALA A 258 16.46 -14.02 0.68
CA ALA A 258 15.24 -14.83 0.64
C ALA A 258 14.26 -14.20 -0.36
N ALA A 259 14.15 -12.87 -0.31
CA ALA A 259 13.25 -12.18 -1.22
C ALA A 259 13.59 -12.60 -2.67
N LYS A 260 14.88 -12.56 -3.01
CA LYS A 260 15.30 -12.95 -4.35
C LYS A 260 14.82 -14.33 -4.75
N ARG A 261 14.95 -15.29 -3.83
CA ARG A 261 14.51 -16.64 -4.14
C ARG A 261 13.01 -16.69 -4.41
N VAL A 262 12.22 -15.99 -3.59
CA VAL A 262 10.77 -15.97 -3.81
C VAL A 262 10.45 -15.26 -5.13
N LEU A 263 11.08 -14.12 -5.36
CA LEU A 263 10.87 -13.36 -6.59
C LEU A 263 11.23 -14.19 -7.84
N PHE A 264 12.28 -14.99 -7.72
CA PHE A 264 12.70 -15.79 -8.85
C PHE A 264 11.61 -16.76 -9.24
N VAL A 265 10.99 -17.37 -8.24
CA VAL A 265 9.92 -18.32 -8.49
C VAL A 265 8.74 -17.59 -9.13
N MET A 266 8.46 -16.39 -8.63
CA MET A 266 7.38 -15.59 -9.19
C MET A 266 7.69 -15.39 -10.67
N CYS A 267 8.96 -15.19 -10.98
CA CYS A 267 9.34 -15.00 -12.37
C CYS A 267 8.99 -16.27 -13.19
N ARG A 268 9.22 -17.45 -12.61
CA ARG A 268 8.87 -18.66 -13.37
C ARG A 268 7.37 -18.74 -13.59
N GLU A 269 6.58 -18.24 -12.63
CA GLU A 269 5.13 -18.25 -12.82
C GLU A 269 4.78 -17.33 -13.99
N TRP A 270 5.49 -16.21 -14.12
CA TRP A 270 5.20 -15.32 -15.23
C TRP A 270 5.55 -15.96 -16.58
N GLU A 271 6.50 -16.89 -16.57
CA GLU A 271 6.88 -17.53 -17.82
C GLU A 271 5.76 -18.49 -18.15
N LEU A 272 5.20 -19.13 -17.12
CA LEU A 272 4.08 -20.04 -17.30
C LEU A 272 2.89 -19.21 -17.81
N ARG A 273 2.66 -18.04 -17.18
CA ARG A 273 1.55 -17.18 -17.60
C ARG A 273 1.68 -16.78 -19.06
N HIS A 274 2.91 -16.43 -19.48
CA HIS A 274 3.15 -16.05 -20.87
C HIS A 274 2.69 -17.19 -21.80
N GLN A 275 3.11 -18.42 -21.50
CA GLN A 275 2.71 -19.57 -22.31
C GLN A 275 1.20 -19.78 -22.29
N LEU A 276 0.58 -19.63 -21.12
CA LEU A 276 -0.86 -19.81 -21.02
C LEU A 276 -1.59 -18.75 -21.84
N LEU A 277 -1.12 -17.51 -21.76
CA LEU A 277 -1.71 -16.42 -22.52
C LEU A 277 -1.56 -16.65 -24.02
N VAL A 278 -0.40 -17.13 -24.44
CA VAL A 278 -0.19 -17.40 -25.85
C VAL A 278 -1.13 -18.52 -26.30
N ALA A 279 -1.18 -19.62 -25.55
CA ALA A 279 -2.05 -20.74 -25.91
C ALA A 279 -3.49 -20.27 -26.06
N ARG A 280 -3.93 -19.46 -25.11
CA ARG A 280 -5.28 -18.92 -25.13
C ARG A 280 -5.50 -18.08 -26.38
N LEU A 281 -4.54 -17.20 -26.67
CA LEU A 281 -4.60 -16.32 -27.83
C LEU A 281 -4.80 -17.18 -29.08
N SER A 282 -4.07 -18.29 -29.18
CA SER A 282 -4.20 -19.17 -30.33
C SER A 282 -5.58 -19.83 -30.35
N ALA A 283 -5.93 -20.45 -29.23
CA ALA A 283 -7.22 -21.14 -29.09
C ALA A 283 -8.44 -20.26 -29.37
N GLU A 284 -8.26 -18.94 -29.33
CA GLU A 284 -9.37 -18.03 -29.59
C GLU A 284 -9.35 -17.55 -31.04
N GLY A 285 -8.42 -18.08 -31.82
CA GLY A 285 -8.31 -17.71 -33.21
C GLY A 285 -7.86 -16.26 -33.37
N LEU A 286 -7.23 -15.74 -32.33
CA LEU A 286 -6.76 -14.36 -32.33
C LEU A 286 -5.27 -14.23 -32.59
N GLU A 287 -4.56 -15.35 -32.69
CA GLU A 287 -3.13 -15.28 -32.95
C GLU A 287 -2.81 -15.21 -34.43
N THR A 288 -2.13 -14.15 -34.82
CA THR A 288 -1.75 -13.96 -36.22
C THR A 288 -0.31 -14.37 -36.38
N PRO A 289 0.17 -14.46 -37.63
CA PRO A 289 1.57 -14.85 -37.84
C PRO A 289 2.51 -13.83 -37.21
N GLY A 290 2.15 -12.55 -37.31
CA GLY A 290 2.96 -11.48 -36.75
C GLY A 290 3.05 -11.62 -35.24
N LEU A 291 1.90 -11.81 -34.61
CA LEU A 291 1.83 -11.98 -33.17
C LEU A 291 2.54 -13.23 -32.68
N ALA A 292 2.46 -14.31 -33.46
CA ALA A 292 3.13 -15.56 -33.07
C ALA A 292 4.63 -15.32 -32.99
N ALA A 293 5.16 -14.62 -33.97
CA ALA A 293 6.60 -14.34 -34.01
C ALA A 293 6.98 -13.33 -32.93
N TYR A 294 6.06 -12.41 -32.64
CA TYR A 294 6.29 -11.38 -31.65
C TYR A 294 6.38 -11.97 -30.24
N VAL A 295 5.36 -12.69 -29.81
CA VAL A 295 5.36 -13.27 -28.48
C VAL A 295 6.52 -14.24 -28.30
N GLU A 296 6.94 -14.91 -29.36
CA GLU A 296 8.09 -15.81 -29.23
C GLU A 296 9.31 -14.91 -29.01
N GLY A 297 9.33 -13.78 -29.72
CA GLY A 297 10.43 -12.83 -29.56
C GLY A 297 10.54 -12.34 -28.12
N LEU A 298 9.41 -12.26 -27.42
CA LEU A 298 9.40 -11.79 -26.04
C LEU A 298 9.96 -12.86 -25.10
N GLU A 299 9.69 -14.12 -25.44
CA GLU A 299 10.20 -15.22 -24.65
C GLU A 299 11.72 -15.10 -24.62
N TYR A 300 12.31 -14.88 -25.79
CA TYR A 300 13.75 -14.76 -25.86
C TYR A 300 14.28 -13.47 -25.21
N GLN A 301 13.43 -12.44 -25.11
CA GLN A 301 13.87 -11.22 -24.44
C GLN A 301 14.00 -11.55 -22.94
N MET A 302 13.12 -12.41 -22.45
CA MET A 302 13.16 -12.79 -21.04
C MET A 302 14.36 -13.68 -20.71
N SER A 303 14.50 -14.78 -21.43
CA SER A 303 15.64 -15.67 -21.18
C SER A 303 16.93 -14.89 -21.39
N GLY A 304 16.94 -14.05 -22.43
CA GLY A 304 18.11 -13.25 -22.76
C GLY A 304 18.48 -12.22 -21.70
N ASN A 305 17.48 -11.51 -21.18
CA ASN A 305 17.70 -10.50 -20.16
C ASN A 305 18.20 -11.15 -18.88
N GLU A 306 17.85 -12.42 -18.66
CA GLU A 306 18.28 -13.14 -17.48
C GLU A 306 19.78 -13.44 -17.52
N LEU A 307 20.24 -13.95 -18.65
CA LEU A 307 21.65 -14.26 -18.83
C LEU A 307 22.44 -12.95 -18.67
N TRP A 308 21.98 -11.91 -19.35
CA TRP A 308 22.62 -10.59 -19.29
C TRP A 308 22.73 -10.08 -17.87
N SER A 309 21.64 -10.22 -17.12
CA SER A 309 21.59 -9.75 -15.74
C SER A 309 22.63 -10.47 -14.88
N GLN A 310 22.86 -11.74 -15.18
CA GLN A 310 23.82 -12.55 -14.45
C GLN A 310 25.27 -12.26 -14.84
N THR A 311 25.47 -11.65 -16.01
CA THR A 311 26.82 -11.41 -16.51
C THR A 311 27.31 -9.98 -16.71
N THR A 312 26.39 -9.02 -16.85
CA THR A 312 26.77 -7.63 -17.08
C THR A 312 27.56 -6.98 -15.94
N LEU A 313 28.63 -6.27 -16.31
CA LEU A 313 29.46 -5.57 -15.34
C LEU A 313 28.68 -4.40 -14.76
N ARG A 314 27.60 -4.02 -15.42
CA ARG A 314 26.80 -2.89 -14.94
C ARG A 314 26.30 -3.14 -13.52
N TYR A 315 26.12 -4.41 -13.15
CA TYR A 315 25.62 -4.72 -11.82
C TYR A 315 26.70 -5.12 -10.82
N SER A 316 27.96 -5.06 -11.23
CA SER A 316 29.06 -5.43 -10.34
C SER A 316 29.54 -4.31 -9.44
N VAL A 317 30.27 -4.70 -8.39
CA VAL A 317 30.86 -3.80 -7.39
C VAL A 317 30.72 -2.30 -7.63
N SER B 13 3.43 30.53 10.00
CA SER B 13 3.58 29.28 10.80
C SER B 13 2.26 28.52 10.87
N LEU B 14 2.34 27.24 11.23
CA LEU B 14 1.19 26.35 11.31
C LEU B 14 -0.19 26.98 11.49
N GLU B 15 -0.49 27.43 12.70
CA GLU B 15 -1.78 28.03 13.01
C GLU B 15 -2.87 26.95 12.97
N PRO B 16 -3.15 26.33 14.11
CA PRO B 16 -4.16 25.27 14.22
C PRO B 16 -5.57 25.71 13.83
N PRO B 17 -6.36 24.80 13.24
CA PRO B 17 -7.73 25.11 12.84
C PRO B 17 -8.66 25.11 14.05
N PRO B 18 -9.90 25.60 13.89
CA PRO B 18 -10.88 25.66 14.98
C PRO B 18 -11.20 24.31 15.62
N SER B 19 -11.28 24.33 16.95
CA SER B 19 -11.58 23.13 17.71
C SER B 19 -12.59 23.50 18.79
N THR B 20 -13.50 22.56 19.09
CA THR B 20 -14.49 22.77 20.13
C THR B 20 -13.97 22.19 21.44
N PHE B 21 -12.71 21.75 21.40
CA PHE B 21 -12.04 21.19 22.57
C PHE B 21 -11.09 22.25 23.11
N GLN B 22 -10.77 22.16 24.39
CA GLN B 22 -9.86 23.12 24.98
C GLN B 22 -9.05 22.51 26.10
N PRO B 23 -7.76 22.86 26.18
CA PRO B 23 -6.89 22.34 27.22
C PRO B 23 -7.24 22.84 28.62
N LEU B 24 -7.20 21.93 29.57
CA LEU B 24 -7.49 22.21 30.97
C LEU B 24 -6.35 21.61 31.78
N CYS B 25 -5.90 22.30 32.82
CA CYS B 25 -4.81 21.77 33.65
C CYS B 25 -5.35 21.47 35.04
N HIS B 26 -4.87 20.39 35.65
CA HIS B 26 -5.34 20.01 36.99
C HIS B 26 -5.23 21.14 38.01
N PRO B 27 -6.33 21.41 38.73
CA PRO B 27 -6.37 22.48 39.73
C PRO B 27 -5.17 22.52 40.69
N LEU B 28 -4.64 21.35 41.05
CA LEU B 28 -3.52 21.27 41.97
C LEU B 28 -2.13 21.21 41.35
N VAL B 29 -2.02 21.50 40.06
CA VAL B 29 -0.71 21.42 39.41
C VAL B 29 0.44 22.00 40.27
N GLU B 30 0.32 23.26 40.70
CA GLU B 30 1.37 23.88 41.51
C GLU B 30 1.75 23.05 42.73
N GLU B 31 0.74 22.53 43.43
CA GLU B 31 0.97 21.73 44.62
C GLU B 31 1.69 20.40 44.37
N VAL B 32 1.16 19.60 43.45
CA VAL B 32 1.75 18.30 43.12
C VAL B 32 3.14 18.47 42.53
N SER B 33 3.25 19.42 41.61
CA SER B 33 4.50 19.71 40.94
C SER B 33 5.63 19.93 41.96
N LYS B 34 5.36 20.75 42.96
CA LYS B 34 6.34 21.04 44.00
C LYS B 34 6.67 19.76 44.75
N GLU B 35 5.64 19.04 45.15
CA GLU B 35 5.79 17.78 45.88
C GLU B 35 6.64 16.77 45.10
N VAL B 36 6.17 16.42 43.91
CA VAL B 36 6.86 15.44 43.07
C VAL B 36 8.24 15.89 42.65
N ASP B 37 8.36 17.13 42.17
CA ASP B 37 9.65 17.65 41.76
C ASP B 37 10.62 17.53 42.94
N GLY B 38 10.13 17.89 44.12
CA GLY B 38 10.95 17.84 45.32
C GLY B 38 11.46 16.46 45.66
N TYR B 39 10.57 15.47 45.57
CA TYR B 39 10.91 14.08 45.86
C TYR B 39 12.01 13.53 44.96
N PHE B 40 11.90 13.75 43.65
CA PHE B 40 12.90 13.24 42.72
C PHE B 40 14.22 13.99 42.87
N LEU B 41 14.15 15.26 43.26
CA LEU B 41 15.37 16.05 43.45
C LEU B 41 16.19 15.50 44.62
N GLN B 42 15.51 14.99 45.64
CA GLN B 42 16.20 14.45 46.80
C GLN B 42 16.55 12.97 46.68
N HIS B 43 15.88 12.26 45.76
CA HIS B 43 16.12 10.84 45.58
C HIS B 43 16.82 10.39 44.31
N TRP B 44 16.47 10.98 43.17
CA TRP B 44 17.07 10.61 41.89
C TRP B 44 18.48 11.16 41.69
N ASN B 45 19.41 10.29 41.31
CA ASN B 45 20.79 10.70 41.11
C ASN B 45 21.05 11.49 39.83
N PHE B 46 20.70 12.78 39.84
CA PHE B 46 20.94 13.61 38.66
C PHE B 46 22.44 13.89 38.62
N PRO B 47 23.05 13.84 37.43
CA PRO B 47 24.48 14.11 37.38
C PRO B 47 24.81 15.52 37.87
N ASN B 48 25.07 16.44 36.94
CA ASN B 48 25.41 17.81 37.28
C ASN B 48 24.18 18.68 37.54
N GLU B 49 24.41 19.80 38.22
CA GLU B 49 23.35 20.74 38.56
C GLU B 49 22.59 21.18 37.31
N LYS B 50 23.30 21.32 36.20
CA LYS B 50 22.70 21.72 34.94
C LYS B 50 21.50 20.82 34.66
N ALA B 51 21.68 19.52 34.93
CA ALA B 51 20.64 18.53 34.73
C ALA B 51 19.53 18.74 35.76
N ARG B 52 19.93 19.05 36.98
CA ARG B 52 18.99 19.30 38.08
C ARG B 52 17.98 20.34 37.67
N LYS B 53 18.42 21.33 36.91
CA LYS B 53 17.53 22.41 36.47
C LYS B 53 16.77 22.06 35.20
N LYS B 54 17.32 21.18 34.37
CA LYS B 54 16.67 20.77 33.15
C LYS B 54 15.39 20.02 33.58
N PHE B 55 15.52 19.30 34.68
CA PHE B 55 14.43 18.52 35.25
C PHE B 55 13.25 19.40 35.69
N VAL B 56 13.54 20.42 36.48
CA VAL B 56 12.49 21.31 36.97
C VAL B 56 11.86 22.03 35.79
N ALA B 57 12.71 22.51 34.87
CA ALA B 57 12.22 23.21 33.69
C ALA B 57 11.25 22.31 32.91
N ALA B 58 11.48 21.00 32.99
CA ALA B 58 10.65 20.02 32.30
C ALA B 58 9.22 20.04 32.81
N GLY B 59 9.06 20.05 34.13
CA GLY B 59 7.74 20.07 34.74
C GLY B 59 6.89 18.86 34.39
N PHE B 60 7.43 17.67 34.65
CA PHE B 60 6.72 16.44 34.34
C PHE B 60 5.38 16.35 35.04
N SER B 61 5.28 16.89 36.25
CA SER B 61 4.01 16.85 36.96
C SER B 61 3.05 17.82 36.31
N ARG B 62 3.60 18.87 35.69
CA ARG B 62 2.76 19.87 35.02
C ARG B 62 2.27 19.25 33.70
N VAL B 63 3.05 18.32 33.17
CA VAL B 63 2.67 17.65 31.95
C VAL B 63 1.51 16.72 32.30
N THR B 64 1.71 15.91 33.34
CA THR B 64 0.69 14.98 33.79
C THR B 64 -0.65 15.65 34.06
N CYS B 65 -0.61 16.80 34.76
CA CYS B 65 -1.82 17.54 35.10
C CYS B 65 -2.54 18.11 33.89
N LEU B 66 -1.77 18.30 32.82
CA LEU B 66 -2.30 18.81 31.57
C LEU B 66 -3.03 17.64 30.88
N TYR B 67 -2.51 16.44 31.04
CA TYR B 67 -3.11 15.26 30.42
C TYR B 67 -4.30 14.71 31.18
N PHE B 68 -4.22 14.75 32.50
CA PHE B 68 -5.29 14.24 33.35
C PHE B 68 -5.85 15.34 34.27
N PRO B 69 -6.43 16.40 33.69
CA PRO B 69 -6.99 17.48 34.52
C PRO B 69 -8.15 17.09 35.41
N LYS B 70 -8.85 16.01 35.07
CA LYS B 70 -10.00 15.53 35.82
C LYS B 70 -9.67 14.43 36.82
N ALA B 71 -8.39 14.26 37.14
CA ALA B 71 -7.98 13.23 38.08
C ALA B 71 -8.44 13.56 39.50
N LEU B 72 -8.61 12.54 40.33
CA LEU B 72 -9.03 12.74 41.72
C LEU B 72 -7.87 13.42 42.46
N ASP B 73 -8.17 14.50 43.20
CA ASP B 73 -7.15 15.27 43.93
C ASP B 73 -6.16 14.46 44.75
N ASP B 74 -6.58 13.32 45.27
CA ASP B 74 -5.67 12.52 46.08
C ASP B 74 -5.03 11.38 45.28
N ARG B 75 -5.01 11.52 43.95
CA ARG B 75 -4.41 10.48 43.12
C ARG B 75 -3.56 11.04 42.00
N ILE B 76 -3.73 12.33 41.70
CA ILE B 76 -2.97 12.96 40.64
C ILE B 76 -1.46 12.84 40.84
N HIS B 77 -1.01 12.88 42.10
CA HIS B 77 0.42 12.79 42.37
C HIS B 77 1.00 11.43 41.99
N PHE B 78 0.17 10.39 42.10
CA PHE B 78 0.61 9.05 41.73
C PHE B 78 0.94 9.06 40.24
N ALA B 79 0.01 9.60 39.46
CA ALA B 79 0.19 9.68 38.02
C ALA B 79 1.44 10.50 37.68
N CYS B 80 1.64 11.60 38.41
CA CYS B 80 2.79 12.46 38.20
C CYS B 80 4.08 11.72 38.50
N ARG B 81 4.07 10.95 39.58
CA ARG B 81 5.26 10.19 39.96
C ARG B 81 5.56 9.09 38.93
N LEU B 82 4.52 8.36 38.51
CA LEU B 82 4.72 7.30 37.51
C LEU B 82 5.31 7.85 36.22
N LEU B 83 4.68 8.88 35.67
CA LEU B 83 5.18 9.46 34.43
C LEU B 83 6.56 10.08 34.60
N THR B 84 6.78 10.74 35.73
CA THR B 84 8.08 11.35 36.00
C THR B 84 9.19 10.31 35.87
N VAL B 85 9.09 9.23 36.63
CA VAL B 85 10.11 8.19 36.57
C VAL B 85 10.15 7.58 35.15
N LEU B 86 8.99 7.37 34.53
CA LEU B 86 8.98 6.82 33.18
C LEU B 86 9.68 7.76 32.19
N PHE B 87 9.46 9.06 32.31
CA PHE B 87 10.14 9.99 31.42
C PHE B 87 11.64 9.92 31.69
N LEU B 88 11.99 9.85 32.97
CA LEU B 88 13.38 9.78 33.38
C LEU B 88 14.07 8.55 32.78
N ILE B 89 13.48 7.38 32.96
CA ILE B 89 14.06 6.16 32.42
C ILE B 89 14.17 6.23 30.90
N ASP B 90 13.14 6.79 30.25
CA ASP B 90 13.13 6.90 28.80
C ASP B 90 14.36 7.69 28.33
N ASP B 91 14.74 8.70 29.10
CA ASP B 91 15.91 9.52 28.78
C ASP B 91 17.19 8.69 28.88
N LEU B 92 17.34 7.95 29.97
CA LEU B 92 18.52 7.12 30.17
C LEU B 92 18.64 6.05 29.10
N LEU B 93 17.52 5.40 28.79
CA LEU B 93 17.50 4.35 27.79
C LEU B 93 18.14 4.79 26.48
N GLU B 94 18.04 6.09 26.19
CA GLU B 94 18.60 6.66 24.97
C GLU B 94 20.10 6.42 24.86
N TYR B 95 20.79 6.42 26.00
CA TYR B 95 22.23 6.25 26.02
C TYR B 95 22.73 4.84 26.28
N MET B 96 21.85 3.86 26.15
CA MET B 96 22.26 2.48 26.34
C MET B 96 21.67 1.57 25.28
N SER B 97 22.42 0.53 24.93
CA SER B 97 22.01 -0.44 23.91
C SER B 97 20.70 -1.13 24.22
N PHE B 98 20.06 -1.63 23.17
CA PHE B 98 18.80 -2.34 23.30
C PHE B 98 18.95 -3.45 24.35
N GLU B 99 20.14 -4.03 24.42
CA GLU B 99 20.43 -5.10 25.38
C GLU B 99 20.26 -4.63 26.82
N GLU B 100 21.17 -3.75 27.24
CA GLU B 100 21.14 -3.24 28.61
C GLU B 100 19.86 -2.50 28.92
N GLY B 101 19.31 -1.83 27.92
CA GLY B 101 18.06 -1.11 28.13
C GLY B 101 16.96 -2.09 28.49
N SER B 102 16.89 -3.17 27.71
CA SER B 102 15.90 -4.20 27.95
C SER B 102 16.16 -4.85 29.28
N ALA B 103 17.44 -5.11 29.57
CA ALA B 103 17.82 -5.72 30.83
C ALA B 103 17.50 -4.76 31.98
N TYR B 104 17.68 -3.47 31.71
CA TYR B 104 17.40 -2.44 32.70
C TYR B 104 15.93 -2.48 33.13
N ASN B 105 15.02 -2.47 32.16
CA ASN B 105 13.60 -2.50 32.49
C ASN B 105 13.08 -3.83 33.02
N GLU B 106 13.58 -4.95 32.50
CA GLU B 106 13.10 -6.24 32.99
C GLU B 106 13.36 -6.43 34.48
N LYS B 107 14.43 -5.83 34.99
CA LYS B 107 14.76 -5.95 36.41
C LYS B 107 13.75 -5.17 37.26
N LEU B 108 13.26 -4.07 36.71
CA LEU B 108 12.30 -3.22 37.41
C LEU B 108 10.87 -3.76 37.40
N ILE B 109 10.58 -4.73 36.54
CA ILE B 109 9.22 -5.26 36.46
C ILE B 109 8.80 -6.10 37.66
N PRO B 110 9.66 -7.06 38.09
CA PRO B 110 9.27 -7.86 39.25
C PRO B 110 9.24 -6.94 40.48
N ILE B 111 10.15 -5.97 40.48
CA ILE B 111 10.24 -4.99 41.57
C ILE B 111 8.97 -4.15 41.58
N SER B 112 8.44 -3.84 40.40
CA SER B 112 7.23 -3.05 40.28
C SER B 112 6.04 -3.85 40.82
N ARG B 113 6.05 -5.15 40.54
CA ARG B 113 4.98 -6.02 41.01
C ARG B 113 5.08 -6.14 42.53
N GLY B 114 6.27 -5.83 43.05
CA GLY B 114 6.49 -5.92 44.48
C GLY B 114 6.86 -7.34 44.84
N ASP B 115 7.16 -8.16 43.83
CA ASP B 115 7.56 -9.54 44.06
C ASP B 115 9.03 -9.64 44.44
N VAL B 116 9.77 -8.57 44.22
CA VAL B 116 11.20 -8.56 44.54
C VAL B 116 11.59 -7.26 45.23
N LEU B 117 12.28 -7.37 46.36
CA LEU B 117 12.74 -6.18 47.09
C LEU B 117 13.76 -5.39 46.29
N PRO B 118 13.70 -4.06 46.37
CA PRO B 118 14.61 -3.19 45.64
C PRO B 118 15.97 -3.08 46.33
N ASP B 119 17.01 -2.72 45.59
CA ASP B 119 18.29 -2.52 46.23
C ASP B 119 18.26 -1.08 46.69
N ARG B 120 17.95 -0.90 47.97
CA ARG B 120 17.85 0.42 48.60
C ARG B 120 18.98 1.39 48.24
N SER B 121 20.07 0.89 47.65
CA SER B 121 21.20 1.72 47.29
C SER B 121 21.10 2.26 45.86
N ILE B 122 20.10 1.79 45.13
CA ILE B 122 19.86 2.23 43.75
C ILE B 122 18.54 3.00 43.71
N PRO B 123 18.60 4.32 43.51
CA PRO B 123 17.41 5.17 43.45
C PRO B 123 16.23 4.60 42.67
N VAL B 124 16.43 4.39 41.36
CA VAL B 124 15.36 3.88 40.52
C VAL B 124 14.69 2.62 41.09
N GLU B 125 15.47 1.72 41.68
CA GLU B 125 14.89 0.51 42.23
C GLU B 125 13.95 0.77 43.40
N TYR B 126 14.35 1.59 44.38
CA TYR B 126 13.45 1.82 45.50
C TYR B 126 12.37 2.84 45.21
N ILE B 127 12.63 3.74 44.27
CA ILE B 127 11.62 4.71 43.88
C ILE B 127 10.46 3.93 43.20
N ILE B 128 10.79 2.94 42.37
CA ILE B 128 9.77 2.13 41.68
C ILE B 128 9.01 1.26 42.69
N TYR B 129 9.76 0.53 43.51
CA TYR B 129 9.16 -0.34 44.52
C TYR B 129 8.24 0.45 45.45
N ASP B 130 8.75 1.53 46.03
CA ASP B 130 7.95 2.33 46.94
C ASP B 130 6.68 2.82 46.24
N LEU B 131 6.86 3.38 45.04
CA LEU B 131 5.75 3.93 44.26
C LEU B 131 4.60 2.93 44.09
N TRP B 132 4.93 1.72 43.66
CA TRP B 132 3.90 0.69 43.47
C TRP B 132 3.30 0.18 44.77
N GLU B 133 4.08 0.21 45.86
CA GLU B 133 3.57 -0.22 47.16
C GLU B 133 2.55 0.84 47.58
N SER B 134 2.88 2.10 47.33
CA SER B 134 2.00 3.22 47.67
C SER B 134 0.68 3.07 46.92
N MET B 135 0.76 2.80 45.62
CA MET B 135 -0.43 2.65 44.80
C MET B 135 -1.33 1.51 45.28
N ARG B 136 -0.73 0.36 45.59
CA ARG B 136 -1.49 -0.79 46.06
C ARG B 136 -2.05 -0.48 47.44
N ALA B 137 -1.48 0.53 48.08
CA ALA B 137 -1.92 0.92 49.41
C ALA B 137 -3.19 1.77 49.29
N HIS B 138 -3.20 2.67 48.32
CA HIS B 138 -4.34 3.56 48.10
C HIS B 138 -5.52 2.87 47.43
N ASP B 139 -5.24 1.97 46.49
CA ASP B 139 -6.28 1.25 45.78
C ASP B 139 -5.69 0.00 45.13
N ARG B 140 -5.62 -1.08 45.90
CA ARG B 140 -5.05 -2.33 45.41
C ARG B 140 -5.61 -2.84 44.08
N GLU B 141 -6.93 -2.99 44.00
CA GLU B 141 -7.58 -3.50 42.80
C GLU B 141 -7.15 -2.73 41.54
N MET B 142 -7.35 -1.42 41.53
CA MET B 142 -7.00 -0.61 40.39
C MET B 142 -5.49 -0.55 40.12
N ALA B 143 -4.69 -0.55 41.18
CA ALA B 143 -3.25 -0.51 41.04
C ALA B 143 -2.76 -1.75 40.28
N ASP B 144 -3.36 -2.89 40.58
CA ASP B 144 -2.97 -4.14 39.90
C ASP B 144 -3.49 -4.18 38.46
N GLU B 145 -4.43 -3.30 38.15
CA GLU B 145 -5.00 -3.23 36.81
C GLU B 145 -4.06 -2.56 35.82
N ILE B 146 -3.36 -1.53 36.29
CA ILE B 146 -2.45 -0.79 35.43
C ILE B 146 -1.08 -1.46 35.29
N LEU B 147 -0.87 -2.53 36.03
CA LEU B 147 0.41 -3.23 35.96
C LEU B 147 0.81 -3.65 34.54
N GLU B 148 -0.07 -4.39 33.87
CA GLU B 148 0.25 -4.86 32.52
C GLU B 148 0.43 -3.71 31.52
N PRO B 149 -0.49 -2.74 31.53
CA PRO B 149 -0.36 -1.61 30.60
C PRO B 149 1.01 -0.95 30.74
N VAL B 150 1.51 -0.88 31.98
CA VAL B 150 2.82 -0.27 32.23
C VAL B 150 3.97 -1.13 31.72
N PHE B 151 3.89 -2.44 32.00
CA PHE B 151 4.93 -3.37 31.57
C PHE B 151 4.98 -3.41 30.05
N LEU B 152 3.81 -3.38 29.44
CA LEU B 152 3.68 -3.40 27.98
C LEU B 152 4.46 -2.19 27.43
N PHE B 153 4.24 -1.03 28.04
CA PHE B 153 4.93 0.19 27.61
C PHE B 153 6.43 0.07 27.80
N MET B 154 6.85 -0.23 29.02
CA MET B 154 8.25 -0.35 29.35
C MET B 154 8.98 -1.28 28.39
N ARG B 155 8.37 -2.42 28.09
CA ARG B 155 8.98 -3.36 27.17
C ARG B 155 9.12 -2.74 25.78
N ALA B 156 8.07 -2.05 25.32
CA ALA B 156 8.12 -1.42 24.02
C ALA B 156 9.18 -0.32 23.95
N GLN B 157 9.58 0.21 25.11
CA GLN B 157 10.60 1.27 25.15
C GLN B 157 11.92 0.83 24.52
N THR B 158 12.06 -0.46 24.27
CA THR B 158 13.29 -1.00 23.67
C THR B 158 13.04 -1.88 22.45
N ASP B 159 11.79 -1.93 21.97
CA ASP B 159 11.47 -2.74 20.80
C ASP B 159 11.98 -2.07 19.53
N ARG B 160 12.62 -2.86 18.67
CA ARG B 160 13.18 -2.35 17.42
C ARG B 160 12.12 -2.17 16.33
N THR B 161 12.01 -0.94 15.82
CA THR B 161 11.05 -0.60 14.78
C THR B 161 11.39 -1.21 13.42
N ARG B 162 10.43 -1.91 12.83
CA ARG B 162 10.62 -2.56 11.54
C ARG B 162 10.23 -1.65 10.39
N ALA B 163 11.18 -1.38 9.51
CA ALA B 163 10.95 -0.53 8.34
C ALA B 163 10.20 -1.31 7.25
N ARG B 164 9.06 -0.79 6.82
CA ARG B 164 8.27 -1.44 5.77
C ARG B 164 7.33 -0.45 5.10
N PRO B 165 6.95 -0.72 3.83
CA PRO B 165 6.05 0.16 3.10
C PRO B 165 4.82 0.40 3.95
N MET B 166 4.42 1.66 4.08
CA MET B 166 3.28 1.98 4.90
C MET B 166 2.51 3.18 4.36
N GLY B 167 1.25 2.94 4.01
CA GLY B 167 0.41 4.01 3.52
C GLY B 167 -0.26 4.67 4.72
N LEU B 168 -1.08 5.68 4.47
CA LEU B 168 -1.76 6.37 5.56
C LEU B 168 -2.65 5.43 6.39
N GLY B 169 -3.50 4.65 5.73
CA GLY B 169 -4.37 3.73 6.43
C GLY B 169 -3.61 2.77 7.33
N GLY B 170 -2.54 2.17 6.80
CA GLY B 170 -1.75 1.25 7.59
C GLY B 170 -1.07 1.92 8.76
N TYR B 171 -0.56 3.13 8.55
CA TYR B 171 0.12 3.86 9.61
C TYR B 171 -0.85 4.19 10.73
N LEU B 172 -2.04 4.66 10.36
CA LEU B 172 -3.05 5.05 11.34
C LEU B 172 -3.58 3.85 12.12
N GLU B 173 -3.74 2.72 11.46
CA GLU B 173 -4.24 1.53 12.12
C GLU B 173 -3.19 1.11 13.14
N TYR B 174 -1.94 1.24 12.74
CA TYR B 174 -0.83 0.91 13.60
C TYR B 174 -0.83 1.84 14.83
N ARG B 175 -1.02 3.14 14.62
CA ARG B 175 -1.04 4.05 15.76
C ARG B 175 -2.22 3.80 16.69
N GLU B 176 -3.30 3.23 16.16
CA GLU B 176 -4.49 2.94 16.96
C GLU B 176 -4.18 1.99 18.12
N ARG B 177 -3.08 1.27 18.00
CA ARG B 177 -2.69 0.31 19.02
C ARG B 177 -1.45 0.76 19.78
N ASP B 178 -1.10 2.04 19.68
CA ASP B 178 0.06 2.55 20.38
C ASP B 178 -0.01 2.24 21.89
N VAL B 179 1.01 1.59 22.40
CA VAL B 179 1.06 1.23 23.82
C VAL B 179 1.16 2.46 24.73
N GLY B 180 1.76 3.53 24.23
CA GLY B 180 1.86 4.76 25.00
C GLY B 180 0.48 5.30 25.29
N LYS B 181 -0.34 5.45 24.24
CA LYS B 181 -1.70 5.94 24.38
C LYS B 181 -2.51 5.02 25.29
N GLU B 182 -2.26 3.72 25.17
CA GLU B 182 -2.95 2.77 26.01
C GLU B 182 -2.55 3.04 27.46
N LEU B 183 -1.27 3.34 27.66
CA LEU B 183 -0.81 3.63 29.01
C LEU B 183 -1.54 4.87 29.55
N LEU B 184 -1.65 5.91 28.72
CA LEU B 184 -2.31 7.15 29.11
C LEU B 184 -3.77 6.95 29.52
N ALA B 185 -4.52 6.20 28.72
CA ALA B 185 -5.92 5.92 29.02
C ALA B 185 -6.11 5.03 30.26
N ALA B 186 -5.22 4.08 30.47
CA ALA B 186 -5.33 3.21 31.63
C ALA B 186 -4.93 3.98 32.88
N LEU B 187 -3.87 4.78 32.76
CA LEU B 187 -3.38 5.59 33.87
C LEU B 187 -4.44 6.63 34.22
N MET B 188 -5.07 7.21 33.21
CA MET B 188 -6.10 8.22 33.44
C MET B 188 -7.24 7.59 34.22
N ARG B 189 -7.50 6.32 33.96
CA ARG B 189 -8.57 5.60 34.64
C ARG B 189 -8.24 5.43 36.13
N PHE B 190 -6.97 5.12 36.41
CA PHE B 190 -6.54 4.96 37.80
C PHE B 190 -6.70 6.29 38.52
N SER B 191 -6.12 7.34 37.91
CA SER B 191 -6.17 8.69 38.44
C SER B 191 -7.58 9.22 38.68
N MET B 192 -8.54 8.70 37.92
CA MET B 192 -9.93 9.15 38.04
C MET B 192 -10.81 8.19 38.82
N GLY B 193 -10.23 7.08 39.29
CA GLY B 193 -11.00 6.11 40.04
C GLY B 193 -12.12 5.49 39.23
N LEU B 194 -11.94 5.45 37.92
CA LEU B 194 -12.97 4.87 37.05
C LEU B 194 -12.72 3.37 36.87
N LYS B 195 -13.43 2.54 37.63
CA LYS B 195 -13.29 1.10 37.51
C LYS B 195 -14.26 0.57 36.46
N LEU B 196 -13.91 0.75 35.19
CA LEU B 196 -14.76 0.30 34.08
C LEU B 196 -14.79 -1.22 33.94
N SER B 197 -15.96 -1.75 33.61
CA SER B 197 -16.11 -3.19 33.44
C SER B 197 -15.75 -3.60 32.02
N PRO B 198 -15.33 -4.86 31.83
CA PRO B 198 -14.97 -5.37 30.50
C PRO B 198 -15.98 -4.99 29.43
N SER B 199 -17.26 -5.05 29.76
CA SER B 199 -18.31 -4.70 28.82
C SER B 199 -18.34 -3.20 28.54
N GLU B 200 -17.93 -2.40 29.53
CA GLU B 200 -17.91 -0.95 29.36
C GLU B 200 -16.74 -0.58 28.46
N LEU B 201 -15.60 -1.22 28.67
CA LEU B 201 -14.41 -0.95 27.85
C LEU B 201 -14.67 -1.30 26.39
N GLN B 202 -15.13 -2.52 26.12
CA GLN B 202 -15.42 -2.91 24.75
C GLN B 202 -16.35 -1.91 24.08
N ARG B 203 -17.27 -1.36 24.86
CA ARG B 203 -18.22 -0.37 24.36
C ARG B 203 -17.60 0.89 23.79
N VAL B 204 -16.41 1.24 24.27
CA VAL B 204 -15.73 2.45 23.82
C VAL B 204 -14.46 2.13 23.01
N ARG B 205 -14.42 0.93 22.44
CA ARG B 205 -13.26 0.51 21.67
C ARG B 205 -12.97 1.47 20.50
N GLU B 206 -14.00 1.85 19.77
CA GLU B 206 -13.82 2.76 18.65
C GLU B 206 -13.36 4.13 19.14
N ILE B 207 -13.96 4.59 20.23
CA ILE B 207 -13.60 5.88 20.81
C ILE B 207 -12.10 5.90 21.12
N ASP B 208 -11.63 4.84 21.77
CA ASP B 208 -10.21 4.73 22.12
C ASP B 208 -9.32 4.79 20.88
N ALA B 209 -9.63 3.96 19.88
CA ALA B 209 -8.84 3.93 18.64
C ALA B 209 -8.83 5.31 17.99
N ASN B 210 -10.01 5.92 17.98
CA ASN B 210 -10.15 7.24 17.39
C ASN B 210 -9.23 8.21 18.15
N CYS B 211 -9.35 8.21 19.48
CA CYS B 211 -8.55 9.09 20.32
C CYS B 211 -7.04 8.82 20.12
N SER B 212 -6.66 7.55 20.09
CA SER B 212 -5.28 7.15 19.90
C SER B 212 -4.63 7.80 18.69
N LYS B 213 -5.37 7.85 17.59
CA LYS B 213 -4.90 8.43 16.33
C LYS B 213 -4.69 9.93 16.46
N HIS B 214 -5.70 10.61 17.00
CA HIS B 214 -5.66 12.05 17.20
C HIS B 214 -4.36 12.43 17.91
N LEU B 215 -4.12 11.77 19.04
CA LEU B 215 -2.93 12.01 19.85
C LEU B 215 -1.62 11.78 19.10
N SER B 216 -1.53 10.68 18.36
CA SER B 216 -0.31 10.37 17.62
C SER B 216 -0.03 11.33 16.45
N VAL B 217 -1.07 11.71 15.72
CA VAL B 217 -0.92 12.60 14.58
C VAL B 217 -0.56 14.01 15.04
N VAL B 218 -1.14 14.43 16.15
CA VAL B 218 -0.82 15.75 16.66
C VAL B 218 0.68 15.74 17.05
N ASN B 219 1.16 14.64 17.61
CA ASN B 219 2.57 14.51 17.97
C ASN B 219 3.41 14.56 16.69
N ASP B 220 2.97 13.86 15.66
CA ASP B 220 3.69 13.82 14.38
C ASP B 220 3.81 15.24 13.84
N ILE B 221 2.70 15.96 13.89
CA ILE B 221 2.67 17.32 13.39
C ILE B 221 3.76 18.19 14.02
N TYR B 222 3.88 18.20 15.35
CA TYR B 222 4.90 19.05 15.95
C TYR B 222 6.28 18.44 16.14
N SER B 223 6.41 17.13 15.92
CA SER B 223 7.70 16.46 16.10
C SER B 223 8.45 16.30 14.80
N TYR B 224 7.78 16.54 13.68
CA TYR B 224 8.38 16.39 12.36
C TYR B 224 9.72 17.09 12.17
N GLU B 225 9.77 18.38 12.49
CA GLU B 225 11.00 19.15 12.34
C GLU B 225 12.18 18.47 13.01
N LYS B 226 11.95 17.88 14.18
CA LYS B 226 13.00 17.19 14.91
C LYS B 226 13.31 15.81 14.33
N GLU B 227 12.26 15.08 13.93
CA GLU B 227 12.43 13.75 13.35
C GLU B 227 13.34 13.82 12.13
N LEU B 228 13.14 14.85 11.32
CA LEU B 228 13.93 15.04 10.11
C LEU B 228 15.33 15.58 10.45
N TYR B 229 15.39 16.48 11.43
CA TYR B 229 16.65 17.06 11.86
C TYR B 229 17.51 16.05 12.59
N THR B 230 17.33 14.77 12.27
CA THR B 230 18.11 13.72 12.90
C THR B 230 19.10 13.16 11.88
N SER B 231 19.93 14.04 11.34
CA SER B 231 20.91 13.64 10.32
C SER B 231 20.12 12.84 9.29
N LYS B 232 18.83 13.14 9.21
CA LYS B 232 17.92 12.47 8.31
C LYS B 232 17.53 13.39 7.16
N ILE B 240 15.03 5.76 9.87
CA ILE B 240 13.80 5.10 10.31
C ILE B 240 12.67 6.13 10.46
N LEU B 241 12.47 6.97 9.44
CA LEU B 241 11.42 7.98 9.52
C LEU B 241 10.04 7.38 9.29
N CYS B 242 9.25 7.34 10.36
CA CYS B 242 7.91 6.77 10.35
C CYS B 242 6.91 7.76 10.94
N THR B 243 6.33 8.60 10.09
CA THR B 243 5.38 9.61 10.54
C THR B 243 4.32 9.96 9.49
N SER B 244 3.11 10.24 9.96
CA SER B 244 2.00 10.62 9.07
C SER B 244 2.35 11.83 8.22
N VAL B 245 3.10 12.77 8.79
CA VAL B 245 3.50 13.96 8.03
C VAL B 245 4.24 13.55 6.74
N GLN B 246 5.28 12.76 6.88
CA GLN B 246 6.03 12.31 5.70
C GLN B 246 5.19 11.43 4.77
N ILE B 247 4.43 10.50 5.35
CA ILE B 247 3.59 9.59 4.56
C ILE B 247 2.54 10.32 3.71
N LEU B 248 1.84 11.28 4.31
CA LEU B 248 0.83 12.01 3.57
C LEU B 248 1.46 12.93 2.53
N ALA B 249 2.58 13.54 2.88
CA ALA B 249 3.27 14.46 1.96
C ALA B 249 3.67 13.74 0.68
N GLN B 250 4.14 12.50 0.83
CA GLN B 250 4.58 11.74 -0.33
C GLN B 250 3.39 11.17 -1.10
N GLU B 251 2.36 10.70 -0.40
CA GLU B 251 1.21 10.14 -1.09
C GLU B 251 0.41 11.18 -1.88
N ALA B 252 0.33 12.40 -1.37
CA ALA B 252 -0.41 13.46 -2.05
C ALA B 252 0.53 14.33 -2.88
N ASP B 253 1.83 14.13 -2.67
CA ASP B 253 2.86 14.90 -3.35
C ASP B 253 2.73 16.41 -3.07
N VAL B 254 2.95 16.75 -1.81
CA VAL B 254 2.91 18.12 -1.34
C VAL B 254 4.00 18.23 -0.28
N THR B 255 4.29 19.44 0.15
CA THR B 255 5.31 19.66 1.17
C THR B 255 4.84 19.16 2.53
N ALA B 256 5.80 18.94 3.44
CA ALA B 256 5.51 18.50 4.78
C ALA B 256 4.57 19.51 5.47
N GLU B 257 4.82 20.79 5.22
CA GLU B 257 4.00 21.84 5.81
C GLU B 257 2.57 21.66 5.34
N ALA B 258 2.40 21.46 4.04
CA ALA B 258 1.08 21.25 3.45
C ALA B 258 0.47 20.02 4.14
N ALA B 259 1.29 18.99 4.32
CA ALA B 259 0.83 17.77 4.96
C ALA B 259 0.29 18.04 6.37
N LYS B 260 1.06 18.79 7.15
CA LYS B 260 0.66 19.11 8.52
C LYS B 260 -0.71 19.78 8.55
N ARG B 261 -0.92 20.69 7.61
CA ARG B 261 -2.18 21.42 7.45
C ARG B 261 -3.34 20.44 7.26
N VAL B 262 -3.24 19.59 6.24
CA VAL B 262 -4.27 18.62 5.94
C VAL B 262 -4.51 17.74 7.14
N LEU B 263 -3.43 17.21 7.72
CA LEU B 263 -3.55 16.35 8.88
C LEU B 263 -4.28 17.00 10.05
N PHE B 264 -4.07 18.30 10.25
CA PHE B 264 -4.71 18.98 11.38
C PHE B 264 -6.22 19.01 11.16
N VAL B 265 -6.65 19.16 9.91
CA VAL B 265 -8.08 19.15 9.62
C VAL B 265 -8.63 17.74 9.91
N MET B 266 -7.84 16.71 9.59
CA MET B 266 -8.27 15.33 9.83
C MET B 266 -8.47 15.16 11.35
N CYS B 267 -7.55 15.70 12.14
CA CYS B 267 -7.66 15.62 13.59
C CYS B 267 -8.98 16.25 14.04
N ARG B 268 -9.36 17.37 13.44
CA ARG B 268 -10.62 18.00 13.80
C ARG B 268 -11.76 17.05 13.43
N GLU B 269 -11.66 16.39 12.29
CA GLU B 269 -12.72 15.44 11.93
C GLU B 269 -12.76 14.33 12.98
N TRP B 270 -11.60 13.93 13.51
CA TRP B 270 -11.64 12.89 14.53
C TRP B 270 -12.25 13.45 15.83
N GLU B 271 -12.11 14.75 16.07
CA GLU B 271 -12.69 15.34 17.28
C GLU B 271 -14.20 15.24 17.18
N LEU B 272 -14.73 15.55 16.00
CA LEU B 272 -16.17 15.48 15.74
C LEU B 272 -16.64 14.03 15.86
N ARG B 273 -15.90 13.11 15.24
CA ARG B 273 -16.29 11.69 15.30
C ARG B 273 -16.38 11.27 16.76
N HIS B 274 -15.49 11.83 17.58
CA HIS B 274 -15.51 11.53 19.02
C HIS B 274 -16.88 11.91 19.58
N GLN B 275 -17.34 13.11 19.25
CA GLN B 275 -18.64 13.57 19.72
C GLN B 275 -19.79 12.70 19.19
N LEU B 276 -19.75 12.37 17.90
CA LEU B 276 -20.78 11.54 17.28
C LEU B 276 -20.87 10.17 17.93
N LEU B 277 -19.71 9.59 18.23
CA LEU B 277 -19.67 8.27 18.85
C LEU B 277 -20.22 8.33 20.28
N VAL B 278 -19.83 9.38 21.01
CA VAL B 278 -20.29 9.55 22.37
C VAL B 278 -21.79 9.82 22.34
N ALA B 279 -22.23 10.63 21.39
CA ALA B 279 -23.65 10.94 21.27
C ALA B 279 -24.42 9.64 21.00
N ARG B 280 -23.90 8.83 20.09
CA ARG B 280 -24.55 7.57 19.78
C ARG B 280 -24.57 6.64 21.00
N LEU B 281 -23.45 6.59 21.72
CA LEU B 281 -23.33 5.75 22.90
C LEU B 281 -24.45 6.05 23.90
N SER B 282 -24.76 7.34 24.06
CA SER B 282 -25.81 7.75 24.97
C SER B 282 -27.21 7.40 24.46
N ALA B 283 -27.46 7.68 23.19
CA ALA B 283 -28.75 7.38 22.59
C ALA B 283 -29.09 5.91 22.74
N GLU B 284 -28.10 5.05 22.53
CA GLU B 284 -28.29 3.62 22.65
C GLU B 284 -28.55 3.23 24.10
N GLY B 285 -28.35 4.17 25.01
CA GLY B 285 -28.56 3.91 26.42
C GLY B 285 -27.42 3.11 27.04
N LEU B 286 -26.23 3.24 26.47
CA LEU B 286 -25.07 2.52 26.95
C LEU B 286 -24.06 3.40 27.65
N GLU B 287 -24.35 4.70 27.73
CA GLU B 287 -23.42 5.62 28.37
C GLU B 287 -23.59 5.62 29.88
N THR B 288 -22.87 4.73 30.55
CA THR B 288 -22.93 4.62 32.01
C THR B 288 -22.24 5.81 32.66
N PRO B 289 -22.46 5.98 33.97
CA PRO B 289 -21.84 7.10 34.69
C PRO B 289 -20.33 7.15 34.49
N GLY B 290 -19.68 5.99 34.60
CA GLY B 290 -18.24 5.94 34.42
C GLY B 290 -17.78 6.29 33.01
N LEU B 291 -18.43 5.68 32.02
CA LEU B 291 -18.08 5.95 30.64
C LEU B 291 -18.19 7.44 30.34
N ALA B 292 -19.19 8.09 30.91
CA ALA B 292 -19.38 9.52 30.69
C ALA B 292 -18.14 10.26 31.17
N ALA B 293 -17.60 9.86 32.31
CA ALA B 293 -16.42 10.48 32.87
C ALA B 293 -15.20 10.13 32.03
N TYR B 294 -15.17 8.90 31.53
CA TYR B 294 -14.05 8.43 30.73
C TYR B 294 -13.88 9.16 29.39
N VAL B 295 -14.93 9.16 28.58
CA VAL B 295 -14.85 9.82 27.29
C VAL B 295 -14.56 11.30 27.44
N GLU B 296 -14.99 11.88 28.55
CA GLU B 296 -14.73 13.29 28.82
C GLU B 296 -13.23 13.40 29.01
N GLY B 297 -12.68 12.52 29.83
CA GLY B 297 -11.25 12.50 30.08
C GLY B 297 -10.45 12.43 28.79
N LEU B 298 -10.87 11.56 27.88
CA LEU B 298 -10.16 11.41 26.61
C LEU B 298 -10.18 12.71 25.81
N GLU B 299 -11.25 13.48 25.95
CA GLU B 299 -11.34 14.74 25.24
C GLU B 299 -10.22 15.65 25.73
N TYR B 300 -10.03 15.72 27.05
CA TYR B 300 -8.96 16.53 27.60
C TYR B 300 -7.58 16.01 27.25
N GLN B 301 -7.45 14.69 27.05
CA GLN B 301 -6.14 14.16 26.65
C GLN B 301 -5.85 14.73 25.26
N MET B 302 -6.87 14.75 24.41
CA MET B 302 -6.66 15.26 23.07
C MET B 302 -6.26 16.74 23.05
N SER B 303 -7.03 17.58 23.74
CA SER B 303 -6.70 19.01 23.80
C SER B 303 -5.39 19.25 24.55
N GLY B 304 -5.16 18.47 25.59
CA GLY B 304 -3.95 18.62 26.39
C GLY B 304 -2.70 18.25 25.59
N ASN B 305 -2.76 17.08 24.96
CA ASN B 305 -1.67 16.60 24.14
C ASN B 305 -1.33 17.62 23.04
N GLU B 306 -2.35 18.34 22.58
CA GLU B 306 -2.12 19.35 21.55
C GLU B 306 -1.28 20.52 22.12
N LEU B 307 -1.63 20.98 23.30
CA LEU B 307 -0.89 22.10 23.91
C LEU B 307 0.53 21.62 24.22
N TRP B 308 0.64 20.44 24.80
CA TRP B 308 1.93 19.88 25.16
C TRP B 308 2.85 19.83 23.94
N SER B 309 2.31 19.34 22.82
CA SER B 309 3.06 19.19 21.57
C SER B 309 3.57 20.53 21.03
N GLN B 310 2.77 21.57 21.19
CA GLN B 310 3.14 22.89 20.71
C GLN B 310 4.19 23.57 21.61
N THR B 311 4.29 23.10 22.85
CA THR B 311 5.20 23.72 23.81
C THR B 311 6.41 22.91 24.30
N THR B 312 6.26 21.60 24.45
CA THR B 312 7.35 20.76 24.95
C THR B 312 8.70 20.93 24.24
N LEU B 313 9.76 20.94 25.03
CA LEU B 313 11.11 21.07 24.49
C LEU B 313 11.54 19.75 23.87
N ARG B 314 10.78 18.68 24.10
CA ARG B 314 11.12 17.39 23.53
C ARG B 314 11.12 17.48 22.01
N TYR B 315 10.21 18.28 21.46
CA TYR B 315 10.11 18.43 20.02
C TYR B 315 10.98 19.56 19.48
N SER B 316 11.56 20.35 20.38
CA SER B 316 12.42 21.45 19.98
C SER B 316 13.64 20.87 19.30
N VAL B 317 14.47 21.72 18.71
CA VAL B 317 15.67 21.23 18.04
C VAL B 317 16.87 21.32 18.97
N SER C 13 -24.48 21.77 3.83
CA SER C 13 -24.22 20.74 2.77
C SER C 13 -22.92 21.00 2.03
N LEU C 14 -21.80 20.70 2.68
CA LEU C 14 -20.46 20.87 2.11
C LEU C 14 -20.14 22.29 1.63
N GLU C 15 -19.35 23.01 2.44
CA GLU C 15 -18.93 24.37 2.11
C GLU C 15 -17.49 24.31 1.61
N PRO C 16 -17.27 24.59 0.33
CA PRO C 16 -15.89 24.54 -0.20
C PRO C 16 -14.96 25.55 0.48
N PRO C 17 -13.78 25.09 0.93
CA PRO C 17 -12.87 26.03 1.58
C PRO C 17 -12.41 27.09 0.58
N PRO C 18 -11.86 28.21 1.06
CA PRO C 18 -11.38 29.30 0.21
C PRO C 18 -10.38 28.94 -0.91
N SER C 19 -10.45 29.67 -2.01
CA SER C 19 -9.55 29.46 -3.14
C SER C 19 -9.21 30.77 -3.86
N THR C 20 -7.99 30.86 -4.36
CA THR C 20 -7.56 32.06 -5.08
C THR C 20 -7.88 31.91 -6.57
N PHE C 21 -8.36 30.72 -6.94
CA PHE C 21 -8.72 30.44 -8.32
C PHE C 21 -10.15 30.95 -8.60
N GLN C 22 -10.30 31.78 -9.62
CA GLN C 22 -11.59 32.33 -10.01
C GLN C 22 -11.94 31.73 -11.38
N PRO C 23 -13.13 31.15 -11.51
CA PRO C 23 -13.44 30.59 -12.83
C PRO C 23 -14.02 31.63 -13.78
N LEU C 24 -13.75 31.45 -15.07
CA LEU C 24 -14.29 32.35 -16.09
C LEU C 24 -15.13 31.53 -17.05
N CYS C 25 -15.96 32.22 -17.84
CA CYS C 25 -16.81 31.58 -18.82
C CYS C 25 -16.62 32.29 -20.15
N HIS C 26 -16.19 31.53 -21.17
CA HIS C 26 -15.97 32.11 -22.50
C HIS C 26 -17.16 32.99 -22.87
N PRO C 27 -16.91 34.24 -23.26
CA PRO C 27 -17.90 35.26 -23.66
C PRO C 27 -18.89 34.80 -24.71
N LEU C 28 -18.41 33.99 -25.66
CA LEU C 28 -19.24 33.50 -26.76
C LEU C 28 -20.10 32.28 -26.45
N VAL C 29 -20.09 31.84 -25.19
CA VAL C 29 -20.84 30.66 -24.78
C VAL C 29 -22.24 30.50 -25.39
N GLU C 30 -23.11 31.49 -25.23
CA GLU C 30 -24.47 31.44 -25.75
C GLU C 30 -24.51 31.38 -27.27
N GLU C 31 -23.51 31.99 -27.91
CA GLU C 31 -23.44 32.01 -29.36
C GLU C 31 -23.03 30.63 -29.90
N VAL C 32 -21.94 30.08 -29.36
CA VAL C 32 -21.46 28.77 -29.78
C VAL C 32 -22.50 27.71 -29.45
N SER C 33 -23.23 27.93 -28.37
CA SER C 33 -24.27 27.02 -27.96
C SER C 33 -25.25 26.83 -29.12
N LYS C 34 -25.90 27.91 -29.53
CA LYS C 34 -26.85 27.88 -30.63
C LYS C 34 -26.22 27.23 -31.88
N GLU C 35 -24.99 27.63 -32.19
CA GLU C 35 -24.31 27.06 -33.34
C GLU C 35 -24.22 25.54 -33.20
N VAL C 36 -23.34 25.08 -32.31
CA VAL C 36 -23.11 23.65 -32.09
C VAL C 36 -24.35 22.84 -31.68
N ASP C 37 -25.17 23.38 -30.78
CA ASP C 37 -26.38 22.67 -30.37
C ASP C 37 -27.29 22.45 -31.58
N GLY C 38 -27.41 23.50 -32.41
CA GLY C 38 -28.25 23.41 -33.59
C GLY C 38 -27.74 22.34 -34.53
N TYR C 39 -26.43 22.35 -34.80
CA TYR C 39 -25.82 21.37 -35.68
C TYR C 39 -26.16 19.96 -35.23
N PHE C 40 -25.89 19.63 -33.98
CA PHE C 40 -26.19 18.29 -33.48
C PHE C 40 -27.68 18.06 -33.48
N LEU C 41 -28.42 18.98 -32.88
CA LEU C 41 -29.85 18.83 -32.88
C LEU C 41 -30.22 18.63 -34.34
N GLN C 42 -31.05 17.62 -34.60
CA GLN C 42 -31.47 17.36 -35.96
C GLN C 42 -30.24 17.30 -36.88
N HIS C 43 -29.55 16.17 -36.80
CA HIS C 43 -28.35 15.86 -37.58
C HIS C 43 -27.85 14.61 -36.87
N TRP C 44 -27.91 14.66 -35.55
CA TRP C 44 -27.55 13.52 -34.71
C TRP C 44 -28.89 12.84 -34.51
N ASN C 45 -28.88 11.52 -34.50
CA ASN C 45 -30.14 10.78 -34.33
C ASN C 45 -30.62 10.70 -32.89
N PHE C 46 -31.50 11.63 -32.52
CA PHE C 46 -32.06 11.64 -31.17
C PHE C 46 -33.33 10.78 -31.15
N PRO C 47 -33.41 9.81 -30.23
CA PRO C 47 -34.57 8.93 -30.10
C PRO C 47 -35.92 9.62 -29.99
N ASN C 48 -35.95 10.80 -29.37
CA ASN C 48 -37.21 11.53 -29.22
C ASN C 48 -37.04 12.95 -28.71
N GLU C 49 -38.15 13.68 -28.65
CA GLU C 49 -38.18 15.06 -28.19
C GLU C 49 -37.47 15.17 -26.84
N LYS C 50 -37.96 14.41 -25.87
CA LYS C 50 -37.38 14.40 -24.53
C LYS C 50 -35.86 14.37 -24.62
N ALA C 51 -35.34 13.46 -25.44
CA ALA C 51 -33.91 13.32 -25.62
C ALA C 51 -33.31 14.66 -26.08
N ARG C 52 -33.94 15.26 -27.09
CA ARG C 52 -33.49 16.53 -27.62
C ARG C 52 -33.56 17.65 -26.59
N LYS C 53 -34.60 17.65 -25.75
CA LYS C 53 -34.74 18.67 -24.72
C LYS C 53 -33.65 18.49 -23.66
N LYS C 54 -33.46 17.25 -23.23
CA LYS C 54 -32.44 16.97 -22.22
C LYS C 54 -31.08 17.37 -22.78
N PHE C 55 -30.89 17.14 -24.06
CA PHE C 55 -29.64 17.47 -24.72
C PHE C 55 -29.34 18.96 -24.62
N VAL C 56 -30.35 19.78 -24.85
CA VAL C 56 -30.18 21.22 -24.79
C VAL C 56 -29.87 21.64 -23.36
N ALA C 57 -30.66 21.13 -22.42
CA ALA C 57 -30.47 21.46 -21.01
C ALA C 57 -29.06 21.11 -20.52
N ALA C 58 -28.51 20.01 -21.02
CA ALA C 58 -27.17 19.56 -20.65
C ALA C 58 -26.09 20.58 -21.02
N GLY C 59 -26.35 21.34 -22.08
CA GLY C 59 -25.43 22.37 -22.54
C GLY C 59 -23.96 21.99 -22.57
N PHE C 60 -23.60 21.05 -23.44
CA PHE C 60 -22.23 20.64 -23.53
C PHE C 60 -21.32 21.76 -23.99
N SER C 61 -21.82 22.62 -24.87
CA SER C 61 -21.00 23.75 -25.31
C SER C 61 -20.76 24.68 -24.12
N ARG C 62 -21.74 24.76 -23.22
CA ARG C 62 -21.60 25.61 -22.03
C ARG C 62 -20.58 25.00 -21.08
N VAL C 63 -20.51 23.68 -21.07
CA VAL C 63 -19.56 22.97 -20.23
C VAL C 63 -18.17 23.29 -20.73
N THR C 64 -18.01 23.16 -22.04
CA THR C 64 -16.74 23.38 -22.73
C THR C 64 -16.22 24.80 -22.54
N CYS C 65 -17.12 25.78 -22.52
CA CYS C 65 -16.74 27.17 -22.35
C CYS C 65 -16.29 27.49 -20.92
N LEU C 66 -16.66 26.64 -19.95
CA LEU C 66 -16.27 26.82 -18.56
C LEU C 66 -14.84 26.30 -18.42
N TYR C 67 -14.55 25.21 -19.13
CA TYR C 67 -13.23 24.62 -19.10
C TYR C 67 -12.22 25.38 -19.95
N PHE C 68 -12.65 25.90 -21.10
CA PHE C 68 -11.75 26.64 -22.00
C PHE C 68 -12.20 28.09 -22.16
N PRO C 69 -12.23 28.87 -21.06
CA PRO C 69 -12.65 30.27 -21.18
C PRO C 69 -11.74 31.17 -22.00
N LYS C 70 -10.48 30.75 -22.18
CA LYS C 70 -9.51 31.52 -22.94
C LYS C 70 -9.26 30.96 -24.33
N ALA C 71 -10.11 30.05 -24.79
CA ALA C 71 -9.93 29.49 -26.12
C ALA C 71 -10.10 30.62 -27.14
N LEU C 72 -9.50 30.47 -28.31
CA LEU C 72 -9.61 31.48 -29.36
C LEU C 72 -11.02 31.52 -29.90
N ASP C 73 -11.52 32.74 -30.13
CA ASP C 73 -12.86 32.96 -30.64
C ASP C 73 -13.27 32.12 -31.85
N ASP C 74 -12.32 31.86 -32.75
CA ASP C 74 -12.64 31.06 -33.92
C ASP C 74 -12.20 29.60 -33.77
N ARG C 75 -12.03 29.16 -32.53
CA ARG C 75 -11.62 27.77 -32.26
C ARG C 75 -12.50 27.13 -31.20
N ILE C 76 -13.18 27.94 -30.40
CA ILE C 76 -14.03 27.42 -29.34
C ILE C 76 -15.10 26.42 -29.83
N HIS C 77 -15.67 26.66 -31.01
CA HIS C 77 -16.70 25.76 -31.52
C HIS C 77 -16.14 24.37 -31.85
N PHE C 78 -14.86 24.33 -32.18
CA PHE C 78 -14.17 23.08 -32.50
C PHE C 78 -14.15 22.20 -31.24
N ALA C 79 -13.86 22.82 -30.11
CA ALA C 79 -13.80 22.12 -28.84
C ALA C 79 -15.21 21.73 -28.41
N CYS C 80 -16.15 22.64 -28.60
CA CYS C 80 -17.53 22.38 -28.22
C CYS C 80 -18.10 21.20 -29.01
N ARG C 81 -17.73 21.12 -30.29
CA ARG C 81 -18.21 20.03 -31.13
C ARG C 81 -17.59 18.72 -30.67
N LEU C 82 -16.28 18.73 -30.48
CA LEU C 82 -15.56 17.53 -30.08
C LEU C 82 -16.10 16.95 -28.78
N LEU C 83 -16.22 17.77 -27.75
CA LEU C 83 -16.72 17.25 -26.50
C LEU C 83 -18.20 16.86 -26.56
N THR C 84 -19.00 17.60 -27.33
CA THR C 84 -20.42 17.29 -27.43
C THR C 84 -20.63 15.85 -27.96
N VAL C 85 -19.93 15.49 -29.02
CA VAL C 85 -20.08 14.16 -29.59
C VAL C 85 -19.52 13.10 -28.63
N LEU C 86 -18.42 13.42 -27.96
CA LEU C 86 -17.82 12.49 -27.02
C LEU C 86 -18.73 12.25 -25.83
N PHE C 87 -19.42 13.29 -25.38
CA PHE C 87 -20.36 13.11 -24.26
C PHE C 87 -21.51 12.25 -24.75
N LEU C 88 -21.91 12.45 -26.00
CA LEU C 88 -23.00 11.70 -26.62
C LEU C 88 -22.63 10.24 -26.75
N ILE C 89 -21.49 10.00 -27.37
CA ILE C 89 -20.99 8.65 -27.59
C ILE C 89 -20.85 7.95 -26.26
N ASP C 90 -20.29 8.66 -25.28
CA ASP C 90 -20.08 8.08 -23.96
C ASP C 90 -21.42 7.69 -23.35
N ASP C 91 -22.47 8.41 -23.72
CA ASP C 91 -23.81 8.13 -23.22
C ASP C 91 -24.36 6.84 -23.82
N LEU C 92 -24.05 6.62 -25.09
CA LEU C 92 -24.52 5.42 -25.79
C LEU C 92 -23.74 4.16 -25.46
N LEU C 93 -22.49 4.33 -25.04
CA LEU C 93 -21.64 3.19 -24.72
C LEU C 93 -22.07 2.44 -23.46
N GLU C 94 -22.67 3.14 -22.50
CA GLU C 94 -23.08 2.47 -21.28
C GLU C 94 -24.07 1.36 -21.61
N TYR C 95 -24.87 1.59 -22.65
CA TYR C 95 -25.87 0.62 -23.07
C TYR C 95 -25.29 -0.51 -23.92
N MET C 96 -24.04 -0.35 -24.35
CA MET C 96 -23.37 -1.35 -25.15
C MET C 96 -22.46 -2.20 -24.28
N SER C 97 -21.91 -3.26 -24.85
CA SER C 97 -21.01 -4.15 -24.12
C SER C 97 -19.57 -3.77 -24.43
N PHE C 98 -18.63 -4.26 -23.63
CA PHE C 98 -17.22 -3.98 -23.84
C PHE C 98 -16.84 -4.50 -25.21
N GLU C 99 -17.73 -5.31 -25.80
CA GLU C 99 -17.51 -5.87 -27.11
C GLU C 99 -17.95 -4.84 -28.13
N GLU C 100 -19.25 -4.56 -28.14
CA GLU C 100 -19.85 -3.59 -29.05
C GLU C 100 -19.20 -2.21 -28.95
N GLY C 101 -19.15 -1.69 -27.73
CA GLY C 101 -18.57 -0.38 -27.51
C GLY C 101 -17.19 -0.19 -28.11
N SER C 102 -16.34 -1.21 -28.00
CA SER C 102 -14.99 -1.11 -28.53
C SER C 102 -14.93 -0.99 -30.06
N ALA C 103 -15.64 -1.86 -30.76
CA ALA C 103 -15.63 -1.82 -32.22
C ALA C 103 -16.16 -0.48 -32.70
N TYR C 104 -17.14 0.03 -31.97
CA TYR C 104 -17.77 1.31 -32.27
C TYR C 104 -16.71 2.40 -32.44
N ASN C 105 -16.03 2.73 -31.34
CA ASN C 105 -15.01 3.77 -31.37
C ASN C 105 -13.84 3.42 -32.28
N GLU C 106 -13.41 2.16 -32.24
CA GLU C 106 -12.28 1.72 -33.05
C GLU C 106 -12.53 1.98 -34.53
N LYS C 107 -13.80 1.98 -34.92
CA LYS C 107 -14.17 2.23 -36.32
C LYS C 107 -14.03 3.70 -36.67
N LEU C 108 -14.38 4.55 -35.71
CA LEU C 108 -14.31 5.99 -35.91
C LEU C 108 -12.90 6.53 -35.95
N ILE C 109 -11.96 5.83 -35.32
CA ILE C 109 -10.58 6.29 -35.29
C ILE C 109 -9.97 6.50 -36.68
N PRO C 110 -10.09 5.49 -37.57
CA PRO C 110 -9.51 5.69 -38.91
C PRO C 110 -10.22 6.87 -39.58
N ILE C 111 -11.54 6.93 -39.40
CA ILE C 111 -12.35 7.98 -39.97
C ILE C 111 -11.83 9.34 -39.51
N SER C 112 -11.58 9.47 -38.21
CA SER C 112 -11.09 10.69 -37.61
C SER C 112 -9.79 11.15 -38.23
N ARG C 113 -8.95 10.20 -38.63
CA ARG C 113 -7.67 10.53 -39.25
C ARG C 113 -7.91 10.89 -40.71
N GLY C 114 -9.18 10.78 -41.12
CA GLY C 114 -9.55 11.08 -42.50
C GLY C 114 -9.18 9.96 -43.46
N ASP C 115 -8.58 8.91 -42.91
CA ASP C 115 -8.13 7.78 -43.71
C ASP C 115 -9.21 6.85 -44.24
N VAL C 116 -10.45 6.98 -43.78
CA VAL C 116 -11.48 6.07 -44.29
C VAL C 116 -12.89 6.59 -44.52
N LEU C 117 -13.85 5.70 -44.27
CA LEU C 117 -15.28 5.93 -44.48
C LEU C 117 -15.99 7.02 -43.68
N PRO C 118 -16.76 7.86 -44.37
CA PRO C 118 -17.51 8.95 -43.72
C PRO C 118 -19.00 8.58 -43.70
N ASP C 119 -19.32 7.45 -44.35
CA ASP C 119 -20.70 6.93 -44.47
C ASP C 119 -21.76 7.96 -44.15
N ARG C 120 -22.17 8.70 -45.18
CA ARG C 120 -23.16 9.77 -45.06
C ARG C 120 -24.53 9.39 -44.51
N SER C 121 -24.81 8.09 -44.34
CA SER C 121 -26.10 7.68 -43.82
C SER C 121 -26.01 7.55 -42.31
N ILE C 122 -24.79 7.40 -41.80
CA ILE C 122 -24.54 7.25 -40.37
C ILE C 122 -24.04 8.56 -39.76
N PRO C 123 -24.91 9.22 -38.96
CA PRO C 123 -24.57 10.48 -38.30
C PRO C 123 -23.18 10.53 -37.68
N VAL C 124 -22.97 9.72 -36.64
CA VAL C 124 -21.68 9.69 -35.95
C VAL C 124 -20.47 9.66 -36.88
N GLU C 125 -20.59 8.96 -38.01
CA GLU C 125 -19.48 8.87 -38.94
C GLU C 125 -19.15 10.11 -39.76
N TYR C 126 -20.15 10.74 -40.37
CA TYR C 126 -19.86 11.93 -41.17
C TYR C 126 -19.59 13.14 -40.28
N ILE C 127 -20.14 13.11 -39.07
CA ILE C 127 -19.91 14.19 -38.11
C ILE C 127 -18.45 14.16 -37.69
N ILE C 128 -17.98 12.98 -37.28
CA ILE C 128 -16.60 12.81 -36.85
C ILE C 128 -15.65 13.23 -37.97
N TYR C 129 -15.93 12.71 -39.17
CA TYR C 129 -15.11 12.99 -40.35
C TYR C 129 -15.08 14.49 -40.64
N ASP C 130 -16.27 15.07 -40.78
CA ASP C 130 -16.40 16.49 -41.07
C ASP C 130 -15.74 17.38 -40.02
N LEU C 131 -15.86 17.00 -38.75
CA LEU C 131 -15.29 17.75 -37.65
C LEU C 131 -13.77 17.81 -37.75
N TRP C 132 -13.14 16.67 -38.02
CA TRP C 132 -11.69 16.61 -38.12
C TRP C 132 -11.12 17.25 -39.37
N GLU C 133 -11.89 17.24 -40.45
CA GLU C 133 -11.43 17.86 -41.68
C GLU C 133 -11.42 19.37 -41.44
N SER C 134 -12.45 19.85 -40.74
CA SER C 134 -12.56 21.26 -40.43
C SER C 134 -11.36 21.70 -39.61
N MET C 135 -10.99 20.86 -38.65
CA MET C 135 -9.86 21.17 -37.79
C MET C 135 -8.57 21.21 -38.60
N ARG C 136 -8.33 20.19 -39.43
CA ARG C 136 -7.13 20.17 -40.25
C ARG C 136 -7.16 21.40 -41.16
N ALA C 137 -8.37 21.80 -41.55
CA ALA C 137 -8.56 22.95 -42.42
C ALA C 137 -8.11 24.24 -41.74
N HIS C 138 -8.47 24.39 -40.46
CA HIS C 138 -8.10 25.58 -39.71
C HIS C 138 -6.61 25.55 -39.31
N ASP C 139 -6.18 24.43 -38.73
CA ASP C 139 -4.78 24.29 -38.31
C ASP C 139 -4.29 22.84 -38.41
N ARG C 140 -3.83 22.47 -39.59
CA ARG C 140 -3.35 21.12 -39.87
C ARG C 140 -2.42 20.56 -38.80
N GLU C 141 -1.28 21.22 -38.62
CA GLU C 141 -0.28 20.80 -37.65
C GLU C 141 -0.81 20.55 -36.25
N MET C 142 -1.64 21.46 -35.75
CA MET C 142 -2.19 21.31 -34.42
C MET C 142 -3.38 20.35 -34.34
N ALA C 143 -4.11 20.22 -35.44
CA ALA C 143 -5.26 19.31 -35.45
C ALA C 143 -4.77 17.87 -35.33
N ASP C 144 -3.56 17.64 -35.84
CA ASP C 144 -2.96 16.31 -35.77
C ASP C 144 -2.37 16.05 -34.39
N GLU C 145 -1.80 17.08 -33.79
CA GLU C 145 -1.20 16.98 -32.47
C GLU C 145 -2.16 16.41 -31.42
N ILE C 146 -3.45 16.50 -31.69
CA ILE C 146 -4.43 16.00 -30.72
C ILE C 146 -5.15 14.73 -31.14
N LEU C 147 -4.80 14.19 -32.30
CA LEU C 147 -5.43 12.95 -32.77
C LEU C 147 -5.21 11.82 -31.77
N GLU C 148 -3.94 11.57 -31.47
CA GLU C 148 -3.56 10.50 -30.55
C GLU C 148 -4.17 10.69 -29.15
N PRO C 149 -4.17 11.93 -28.65
CA PRO C 149 -4.74 12.20 -27.32
C PRO C 149 -6.22 11.84 -27.24
N VAL C 150 -6.95 12.08 -28.32
CA VAL C 150 -8.37 11.75 -28.35
C VAL C 150 -8.54 10.24 -28.49
N PHE C 151 -7.69 9.64 -29.31
CA PHE C 151 -7.78 8.19 -29.53
C PHE C 151 -7.53 7.49 -28.21
N LEU C 152 -6.51 7.93 -27.49
CA LEU C 152 -6.17 7.34 -26.20
C LEU C 152 -7.44 7.33 -25.35
N PHE C 153 -8.13 8.45 -25.33
CA PHE C 153 -9.36 8.60 -24.57
C PHE C 153 -10.49 7.71 -25.07
N MET C 154 -10.58 7.54 -26.38
CA MET C 154 -11.64 6.70 -26.91
C MET C 154 -11.35 5.23 -26.64
N ARG C 155 -10.09 4.83 -26.82
CA ARG C 155 -9.67 3.45 -26.57
C ARG C 155 -9.45 3.26 -25.07
N ALA C 156 -10.33 3.85 -24.27
CA ALA C 156 -10.22 3.77 -22.83
C ALA C 156 -11.60 3.71 -22.20
N GLN C 157 -12.56 4.37 -22.84
CA GLN C 157 -13.93 4.38 -22.33
C GLN C 157 -14.60 3.03 -22.58
N THR C 158 -13.77 2.01 -22.79
CA THR C 158 -14.28 0.66 -23.01
C THR C 158 -13.36 -0.36 -22.34
N ASP C 159 -12.21 0.11 -21.87
CA ASP C 159 -11.24 -0.77 -21.21
C ASP C 159 -11.81 -1.33 -19.92
N ARG C 160 -11.30 -2.51 -19.54
CA ARG C 160 -11.74 -3.17 -18.31
C ARG C 160 -10.82 -2.70 -17.19
N THR C 161 -10.78 -3.46 -16.10
CA THR C 161 -9.92 -3.10 -14.97
C THR C 161 -9.25 -4.31 -14.35
N ARG C 162 -8.12 -4.08 -13.70
CA ARG C 162 -7.39 -5.14 -13.03
C ARG C 162 -7.47 -4.80 -11.55
N ALA C 163 -8.41 -5.44 -10.86
CA ALA C 163 -8.63 -5.19 -9.44
C ALA C 163 -7.48 -5.66 -8.55
N ARG C 164 -6.91 -4.71 -7.82
CA ARG C 164 -5.82 -5.00 -6.89
C ARG C 164 -5.87 -3.96 -5.77
N PRO C 165 -5.21 -4.23 -4.63
CA PRO C 165 -5.23 -3.26 -3.53
C PRO C 165 -4.75 -1.88 -3.98
N MET C 166 -5.49 -0.84 -3.62
CA MET C 166 -5.11 0.52 -3.99
C MET C 166 -5.43 1.50 -2.88
N GLY C 167 -4.39 2.04 -2.26
CA GLY C 167 -4.58 3.00 -1.19
C GLY C 167 -4.66 4.42 -1.74
N LEU C 168 -4.61 5.41 -0.85
CA LEU C 168 -4.70 6.80 -1.25
C LEU C 168 -3.58 7.16 -2.23
N GLY C 169 -2.35 6.90 -1.83
CA GLY C 169 -1.22 7.21 -2.68
C GLY C 169 -1.39 6.59 -4.07
N GLY C 170 -1.71 5.30 -4.12
CA GLY C 170 -1.89 4.64 -5.41
C GLY C 170 -3.00 5.25 -6.26
N TYR C 171 -4.14 5.53 -5.64
CA TYR C 171 -5.25 6.14 -6.36
C TYR C 171 -4.89 7.52 -6.93
N LEU C 172 -4.20 8.33 -6.15
CA LEU C 172 -3.83 9.68 -6.61
C LEU C 172 -2.84 9.65 -7.77
N GLU C 173 -1.79 8.85 -7.65
CA GLU C 173 -0.79 8.73 -8.70
C GLU C 173 -1.51 8.31 -10.00
N TYR C 174 -2.43 7.36 -9.84
CA TYR C 174 -3.21 6.85 -10.96
C TYR C 174 -3.96 7.98 -11.66
N ARG C 175 -4.64 8.82 -10.88
CA ARG C 175 -5.41 9.93 -11.43
C ARG C 175 -4.53 10.99 -12.10
N GLU C 176 -3.26 11.04 -11.71
CA GLU C 176 -2.32 12.01 -12.30
C GLU C 176 -2.11 11.69 -13.78
N ARG C 177 -2.48 10.48 -14.18
CA ARG C 177 -2.30 10.05 -15.56
C ARG C 177 -3.63 9.83 -16.25
N ASP C 178 -4.71 10.35 -15.65
CA ASP C 178 -6.03 10.19 -16.23
C ASP C 178 -6.06 10.65 -17.69
N VAL C 179 -6.50 9.75 -18.57
CA VAL C 179 -6.55 10.07 -19.99
C VAL C 179 -7.60 11.16 -20.28
N GLY C 180 -8.64 11.21 -19.46
CA GLY C 180 -9.67 12.22 -19.65
C GLY C 180 -9.06 13.61 -19.48
N LYS C 181 -8.34 13.81 -18.39
CA LYS C 181 -7.71 15.09 -18.12
C LYS C 181 -6.58 15.43 -19.12
N GLU C 182 -5.96 14.42 -19.72
CA GLU C 182 -4.91 14.69 -20.70
C GLU C 182 -5.59 15.19 -21.97
N LEU C 183 -6.75 14.62 -22.27
CA LEU C 183 -7.51 15.04 -23.43
C LEU C 183 -7.89 16.52 -23.24
N LEU C 184 -8.40 16.86 -22.06
CA LEU C 184 -8.80 18.24 -21.78
C LEU C 184 -7.63 19.19 -22.04
N ALA C 185 -6.49 18.94 -21.42
CA ALA C 185 -5.32 19.77 -21.60
C ALA C 185 -4.89 19.88 -23.06
N ALA C 186 -4.89 18.76 -23.77
CA ALA C 186 -4.50 18.73 -25.17
C ALA C 186 -5.46 19.55 -26.03
N LEU C 187 -6.74 19.49 -25.70
CA LEU C 187 -7.76 20.22 -26.43
C LEU C 187 -7.73 21.71 -26.10
N MET C 188 -7.25 22.04 -24.90
CA MET C 188 -7.17 23.43 -24.49
C MET C 188 -6.06 24.09 -25.29
N ARG C 189 -4.92 23.39 -25.42
CA ARG C 189 -3.79 23.92 -26.17
C ARG C 189 -4.22 24.17 -27.60
N PHE C 190 -5.05 23.28 -28.13
CA PHE C 190 -5.55 23.39 -29.50
C PHE C 190 -6.45 24.61 -29.64
N SER C 191 -7.40 24.72 -28.73
CA SER C 191 -8.36 25.81 -28.75
C SER C 191 -7.73 27.17 -28.49
N MET C 192 -6.55 27.19 -27.88
CA MET C 192 -5.88 28.44 -27.56
C MET C 192 -4.75 28.78 -28.52
N GLY C 193 -4.54 27.93 -29.51
CA GLY C 193 -3.48 28.18 -30.48
C GLY C 193 -2.10 27.96 -29.88
N LEU C 194 -2.04 27.65 -28.59
CA LEU C 194 -0.77 27.39 -27.91
C LEU C 194 -0.24 26.06 -28.42
N LYS C 195 1.06 25.96 -28.64
CA LYS C 195 1.60 24.70 -29.13
C LYS C 195 2.99 24.31 -28.62
N LEU C 196 3.69 25.26 -28.01
CA LEU C 196 5.05 25.07 -27.49
C LEU C 196 5.56 23.63 -27.64
N SER C 197 6.62 23.49 -28.42
CA SER C 197 7.24 22.21 -28.70
C SER C 197 7.41 21.27 -27.52
N PRO C 198 7.31 19.95 -27.77
CA PRO C 198 7.47 18.92 -26.74
C PRO C 198 8.86 19.10 -26.15
N SER C 199 8.96 20.11 -25.29
CA SER C 199 10.18 20.50 -24.61
C SER C 199 9.63 21.68 -23.82
N GLU C 200 9.70 21.59 -22.51
CA GLU C 200 9.16 22.60 -21.63
C GLU C 200 7.70 22.23 -21.41
N LEU C 201 7.14 21.47 -22.35
CA LEU C 201 5.78 20.96 -22.23
C LEU C 201 6.11 19.74 -21.38
N GLN C 202 7.35 19.33 -21.54
CA GLN C 202 7.95 18.22 -20.82
C GLN C 202 8.36 18.84 -19.49
N ARG C 203 8.58 20.14 -19.51
CA ARG C 203 9.00 20.88 -18.32
C ARG C 203 7.83 21.21 -17.40
N VAL C 204 6.61 20.98 -17.87
CA VAL C 204 5.43 21.24 -17.04
C VAL C 204 4.79 19.91 -16.62
N ARG C 205 5.62 18.87 -16.57
CA ARG C 205 5.22 17.52 -16.16
C ARG C 205 4.49 17.59 -14.82
N GLU C 206 5.19 18.05 -13.78
CA GLU C 206 4.62 18.17 -12.46
C GLU C 206 3.32 18.98 -12.46
N ILE C 207 3.32 20.09 -13.17
CA ILE C 207 2.14 20.93 -13.24
C ILE C 207 0.93 20.19 -13.79
N ASP C 208 1.13 19.41 -14.85
CA ASP C 208 0.06 18.64 -15.46
C ASP C 208 -0.52 17.60 -14.49
N ALA C 209 0.37 16.86 -13.83
CA ALA C 209 -0.01 15.81 -12.90
C ALA C 209 -0.77 16.40 -11.72
N ASN C 210 -0.22 17.46 -11.15
CA ASN C 210 -0.84 18.14 -10.02
C ASN C 210 -2.27 18.52 -10.42
N CYS C 211 -2.39 19.11 -11.61
CA CYS C 211 -3.67 19.56 -12.13
C CYS C 211 -4.66 18.41 -12.35
N SER C 212 -4.21 17.38 -13.04
CA SER C 212 -5.04 16.21 -13.33
C SER C 212 -5.61 15.65 -12.01
N LYS C 213 -4.77 15.62 -10.99
CA LYS C 213 -5.15 15.12 -9.68
C LYS C 213 -6.24 15.98 -9.08
N HIS C 214 -6.07 17.30 -9.16
CA HIS C 214 -7.04 18.25 -8.63
C HIS C 214 -8.41 18.05 -9.31
N LEU C 215 -8.41 17.97 -10.63
CA LEU C 215 -9.65 17.79 -11.38
C LEU C 215 -10.38 16.49 -10.96
N SER C 216 -9.62 15.39 -10.91
CA SER C 216 -10.18 14.09 -10.55
C SER C 216 -10.79 14.06 -9.14
N VAL C 217 -10.08 14.60 -8.16
CA VAL C 217 -10.61 14.59 -6.79
C VAL C 217 -11.85 15.44 -6.61
N VAL C 218 -11.88 16.64 -7.23
CA VAL C 218 -13.06 17.49 -7.12
C VAL C 218 -14.27 16.72 -7.70
N ASN C 219 -14.05 16.01 -8.80
CA ASN C 219 -15.12 15.21 -9.41
C ASN C 219 -15.57 14.15 -8.37
N ASP C 220 -14.61 13.48 -7.75
CA ASP C 220 -14.93 12.45 -6.74
C ASP C 220 -15.82 12.99 -5.63
N ILE C 221 -15.48 14.17 -5.12
CA ILE C 221 -16.25 14.76 -4.04
C ILE C 221 -17.72 14.91 -4.43
N TYR C 222 -17.99 15.51 -5.59
CA TYR C 222 -19.38 15.70 -6.00
C TYR C 222 -20.10 14.49 -6.62
N SER C 223 -19.34 13.52 -7.13
CA SER C 223 -19.95 12.34 -7.72
C SER C 223 -20.04 11.14 -6.78
N TYR C 224 -19.74 11.34 -5.50
CA TYR C 224 -19.78 10.21 -4.57
C TYR C 224 -21.18 9.67 -4.34
N GLU C 225 -22.13 10.55 -4.04
CA GLU C 225 -23.49 10.12 -3.78
C GLU C 225 -24.02 9.20 -4.88
N LYS C 226 -24.00 9.70 -6.11
CA LYS C 226 -24.48 8.93 -7.25
C LYS C 226 -23.69 7.66 -7.51
N GLU C 227 -22.37 7.74 -7.50
CA GLU C 227 -21.55 6.58 -7.74
C GLU C 227 -21.93 5.48 -6.74
N LEU C 228 -22.43 5.92 -5.59
CA LEU C 228 -22.87 5.02 -4.55
C LEU C 228 -24.28 4.55 -4.91
N TYR C 229 -24.42 3.96 -6.09
CA TYR C 229 -25.72 3.47 -6.57
C TYR C 229 -25.67 1.99 -6.92
N THR C 230 -24.62 1.33 -6.46
CA THR C 230 -24.47 -0.10 -6.72
C THR C 230 -24.71 -0.89 -5.44
N LEU C 241 -15.79 0.54 -4.68
CA LEU C 241 -15.83 1.83 -5.37
C LEU C 241 -14.44 2.46 -5.46
N CYS C 242 -14.04 2.81 -6.68
CA CYS C 242 -12.73 3.40 -6.88
C CYS C 242 -12.77 4.93 -6.84
N THR C 243 -12.78 5.48 -5.64
CA THR C 243 -12.80 6.92 -5.50
C THR C 243 -12.08 7.38 -4.24
N SER C 244 -11.43 8.53 -4.35
CA SER C 244 -10.69 9.09 -3.25
C SER C 244 -11.53 9.24 -1.98
N VAL C 245 -12.81 9.53 -2.14
CA VAL C 245 -13.72 9.69 -1.00
C VAL C 245 -13.79 8.42 -0.15
N GLN C 246 -14.20 7.31 -0.75
CA GLN C 246 -14.30 6.07 -0.02
C GLN C 246 -12.93 5.66 0.49
N ILE C 247 -11.91 5.78 -0.35
CA ILE C 247 -10.57 5.39 0.07
C ILE C 247 -10.12 6.15 1.34
N LEU C 248 -10.15 7.49 1.30
CA LEU C 248 -9.73 8.27 2.48
C LEU C 248 -10.63 7.94 3.68
N ALA C 249 -11.92 7.76 3.42
CA ALA C 249 -12.86 7.45 4.47
C ALA C 249 -12.48 6.15 5.20
N GLN C 250 -12.06 5.16 4.42
CA GLN C 250 -11.64 3.87 4.99
C GLN C 250 -10.26 3.96 5.63
N GLU C 251 -9.38 4.78 5.07
CA GLU C 251 -8.06 4.86 5.65
C GLU C 251 -8.02 5.68 6.95
N ALA C 252 -8.79 6.76 7.00
CA ALA C 252 -8.83 7.60 8.19
C ALA C 252 -9.98 7.20 9.13
N ASP C 253 -10.79 6.24 8.70
CA ASP C 253 -11.93 5.75 9.47
C ASP C 253 -12.88 6.87 9.89
N VAL C 254 -13.36 7.62 8.90
CA VAL C 254 -14.33 8.70 9.12
C VAL C 254 -15.41 8.49 8.07
N THR C 255 -16.51 9.23 8.21
CA THR C 255 -17.60 9.14 7.24
C THR C 255 -17.13 9.73 5.92
N ALA C 256 -17.89 9.48 4.85
CA ALA C 256 -17.55 9.99 3.54
C ALA C 256 -17.69 11.51 3.49
N GLU C 257 -18.56 12.06 4.31
CA GLU C 257 -18.74 13.50 4.35
C GLU C 257 -17.50 14.14 4.95
N ALA C 258 -16.97 13.52 5.99
CA ALA C 258 -15.74 14.04 6.61
C ALA C 258 -14.61 13.92 5.59
N ALA C 259 -14.60 12.82 4.83
CA ALA C 259 -13.56 12.58 3.83
C ALA C 259 -13.54 13.68 2.76
N LYS C 260 -14.71 14.07 2.26
CA LYS C 260 -14.84 15.13 1.24
C LYS C 260 -14.23 16.45 1.75
N ARG C 261 -14.53 16.79 2.99
CA ARG C 261 -14.03 18.02 3.60
C ARG C 261 -12.50 18.02 3.58
N VAL C 262 -11.91 16.90 3.98
CA VAL C 262 -10.46 16.77 4.01
C VAL C 262 -9.85 16.84 2.61
N LEU C 263 -10.47 16.13 1.68
CA LEU C 263 -9.97 16.14 0.31
C LEU C 263 -10.06 17.55 -0.28
N PHE C 264 -11.11 18.28 0.06
CA PHE C 264 -11.24 19.62 -0.47
C PHE C 264 -10.04 20.47 -0.01
N VAL C 265 -9.66 20.34 1.25
CA VAL C 265 -8.51 21.08 1.74
C VAL C 265 -7.27 20.66 0.96
N MET C 266 -7.14 19.36 0.70
CA MET C 266 -6.01 18.85 -0.07
C MET C 266 -5.98 19.50 -1.46
N CYS C 267 -7.16 19.72 -2.03
CA CYS C 267 -7.25 20.35 -3.34
C CYS C 267 -6.74 21.80 -3.23
N ARG C 268 -7.00 22.46 -2.11
CA ARG C 268 -6.49 23.81 -1.97
C ARG C 268 -4.97 23.77 -1.84
N GLU C 269 -4.44 22.67 -1.31
CA GLU C 269 -3.01 22.53 -1.17
C GLU C 269 -2.39 22.32 -2.54
N TRP C 270 -3.12 21.63 -3.42
CA TRP C 270 -2.58 21.41 -4.77
C TRP C 270 -2.63 22.71 -5.57
N GLU C 271 -3.58 23.59 -5.23
CA GLU C 271 -3.70 24.87 -5.92
C GLU C 271 -2.50 25.71 -5.50
N LEU C 272 -2.16 25.67 -4.21
CA LEU C 272 -1.01 26.41 -3.70
C LEU C 272 0.26 25.87 -4.37
N ARG C 273 0.35 24.55 -4.45
CA ARG C 273 1.50 23.91 -5.07
C ARG C 273 1.61 24.30 -6.53
N HIS C 274 0.46 24.45 -7.19
CA HIS C 274 0.43 24.84 -8.60
C HIS C 274 1.11 26.20 -8.80
N GLN C 275 0.76 27.15 -7.94
CA GLN C 275 1.34 28.48 -8.03
C GLN C 275 2.84 28.40 -7.79
N LEU C 276 3.25 27.57 -6.83
CA LEU C 276 4.66 27.39 -6.52
C LEU C 276 5.40 26.85 -7.73
N LEU C 277 4.80 25.88 -8.40
CA LEU C 277 5.40 25.29 -9.58
C LEU C 277 5.55 26.35 -10.66
N VAL C 278 4.53 27.19 -10.80
CA VAL C 278 4.54 28.24 -11.80
C VAL C 278 5.69 29.20 -11.51
N ALA C 279 5.71 29.76 -10.31
CA ALA C 279 6.74 30.68 -9.91
C ALA C 279 8.14 30.09 -10.08
N ARG C 280 8.34 28.87 -9.58
CA ARG C 280 9.63 28.22 -9.67
C ARG C 280 10.08 28.12 -11.12
N LEU C 281 9.14 27.92 -12.03
CA LEU C 281 9.47 27.83 -13.44
C LEU C 281 10.11 29.15 -13.85
N SER C 282 9.60 30.24 -13.29
CA SER C 282 10.12 31.57 -13.58
C SER C 282 11.46 31.85 -12.92
N ALA C 283 11.51 31.66 -11.61
CA ALA C 283 12.71 31.88 -10.81
C ALA C 283 13.99 31.35 -11.44
N GLU C 284 13.89 30.29 -12.23
CA GLU C 284 15.06 29.72 -12.88
C GLU C 284 15.05 29.94 -14.38
N GLY C 285 14.25 30.90 -14.82
CA GLY C 285 14.16 31.24 -16.23
C GLY C 285 13.73 30.12 -17.17
N LEU C 286 12.49 29.66 -17.02
CA LEU C 286 11.95 28.59 -17.86
C LEU C 286 10.61 29.02 -18.45
N GLU C 287 9.98 29.99 -17.79
CA GLU C 287 8.69 30.51 -18.23
C GLU C 287 8.80 31.01 -19.67
N THR C 288 7.74 30.81 -20.45
CA THR C 288 7.70 31.23 -21.84
C THR C 288 6.28 31.62 -22.22
N PRO C 289 6.12 32.60 -23.12
CA PRO C 289 4.77 33.03 -23.52
C PRO C 289 3.82 31.85 -23.67
N GLY C 290 4.33 30.76 -24.23
CA GLY C 290 3.50 29.58 -24.40
C GLY C 290 3.09 28.98 -23.07
N LEU C 291 4.07 28.53 -22.31
CA LEU C 291 3.82 27.92 -21.02
C LEU C 291 3.15 28.87 -20.04
N ALA C 292 3.39 30.17 -20.21
CA ALA C 292 2.78 31.16 -19.33
C ALA C 292 1.28 31.12 -19.54
N ALA C 293 0.86 31.06 -20.80
CA ALA C 293 -0.56 31.00 -21.12
C ALA C 293 -1.11 29.63 -20.73
N TYR C 294 -0.37 28.58 -21.08
CA TYR C 294 -0.78 27.21 -20.77
C TYR C 294 -1.04 27.09 -19.27
N VAL C 295 -0.02 27.46 -18.49
CA VAL C 295 -0.08 27.40 -17.04
C VAL C 295 -1.35 28.04 -16.47
N GLU C 296 -1.74 29.19 -17.02
CA GLU C 296 -2.95 29.89 -16.57
C GLU C 296 -4.20 29.16 -17.06
N GLY C 297 -4.16 28.63 -18.27
CA GLY C 297 -5.31 27.89 -18.80
C GLY C 297 -5.67 26.73 -17.88
N LEU C 298 -4.65 26.04 -17.37
CA LEU C 298 -4.87 24.91 -16.47
C LEU C 298 -5.59 25.37 -15.21
N GLU C 299 -5.23 26.56 -14.73
CA GLU C 299 -5.85 27.10 -13.53
C GLU C 299 -7.35 27.28 -13.78
N TYR C 300 -7.71 27.68 -14.99
CA TYR C 300 -9.13 27.85 -15.31
C TYR C 300 -9.86 26.50 -15.40
N GLN C 301 -9.15 25.45 -15.81
CA GLN C 301 -9.79 24.14 -15.85
C GLN C 301 -10.16 23.74 -14.43
N MET C 302 -9.20 23.85 -13.52
CA MET C 302 -9.42 23.51 -12.11
C MET C 302 -10.60 24.23 -11.48
N SER C 303 -10.67 25.56 -11.63
CA SER C 303 -11.80 26.29 -11.05
C SER C 303 -13.06 25.98 -11.86
N GLY C 304 -12.92 25.95 -13.18
CA GLY C 304 -14.06 25.66 -14.03
C GLY C 304 -14.68 24.31 -13.68
N ASN C 305 -13.81 23.31 -13.53
CA ASN C 305 -14.20 21.94 -13.17
C ASN C 305 -14.95 21.92 -11.85
N GLU C 306 -14.52 22.77 -10.91
CA GLU C 306 -15.18 22.82 -9.60
C GLU C 306 -16.61 23.33 -9.69
N LEU C 307 -16.82 24.41 -10.45
CA LEU C 307 -18.18 24.95 -10.59
C LEU C 307 -19.07 23.94 -11.33
N TRP C 308 -18.52 23.28 -12.34
CA TRP C 308 -19.25 22.27 -13.09
C TRP C 308 -19.65 21.12 -12.16
N SER C 309 -18.67 20.59 -11.43
CA SER C 309 -18.93 19.47 -10.53
C SER C 309 -20.01 19.77 -9.50
N GLN C 310 -20.21 21.04 -9.17
CA GLN C 310 -21.23 21.41 -8.19
C GLN C 310 -22.59 21.67 -8.81
N THR C 311 -22.66 21.70 -10.13
CA THR C 311 -23.93 22.00 -10.81
C THR C 311 -24.41 20.96 -11.84
N THR C 312 -23.51 20.12 -12.33
CA THR C 312 -23.85 19.12 -13.36
C THR C 312 -24.85 18.04 -12.96
N LEU C 313 -25.87 17.85 -13.80
CA LEU C 313 -26.87 16.83 -13.53
C LEU C 313 -26.23 15.44 -13.67
N ARG C 314 -25.04 15.38 -14.27
CA ARG C 314 -24.37 14.10 -14.43
C ARG C 314 -24.17 13.42 -13.08
N TYR C 315 -24.01 14.24 -12.03
CA TYR C 315 -23.79 13.73 -10.69
C TYR C 315 -25.07 13.72 -9.85
N SER C 316 -26.21 13.98 -10.48
CA SER C 316 -27.49 14.01 -9.77
C SER C 316 -28.09 12.62 -9.55
N VAL C 317 -28.66 12.39 -8.37
CA VAL C 317 -29.28 11.10 -8.06
C VAL C 317 -30.58 10.88 -8.84
N SER D 13 -1.48 -27.50 -10.17
CA SER D 13 -0.32 -28.29 -9.64
C SER D 13 0.13 -27.68 -8.32
N LEU D 14 0.12 -28.49 -7.25
CA LEU D 14 0.55 -28.01 -5.95
C LEU D 14 1.45 -29.02 -5.23
N GLU D 15 2.69 -29.10 -5.68
CA GLU D 15 3.69 -29.99 -5.10
C GLU D 15 4.47 -29.16 -4.08
N PRO D 16 4.28 -29.45 -2.80
CA PRO D 16 4.99 -28.71 -1.75
C PRO D 16 6.50 -28.72 -1.93
N PRO D 17 7.13 -27.54 -1.86
CA PRO D 17 8.58 -27.49 -2.02
C PRO D 17 9.25 -28.17 -0.82
N PRO D 18 10.56 -28.43 -0.90
CA PRO D 18 11.31 -29.08 0.19
C PRO D 18 11.26 -28.36 1.54
N SER D 19 11.11 -29.11 2.61
CA SER D 19 11.07 -28.53 3.95
C SER D 19 11.97 -29.33 4.89
N THR D 20 12.68 -28.65 5.78
CA THR D 20 13.53 -29.37 6.72
C THR D 20 12.74 -29.64 8.01
N PHE D 21 11.49 -29.18 8.05
CA PHE D 21 10.61 -29.39 9.20
C PHE D 21 9.96 -30.77 9.06
N GLN D 22 10.21 -31.66 10.01
CA GLN D 22 9.59 -32.99 9.96
C GLN D 22 8.51 -33.03 11.03
N PRO D 23 7.25 -33.21 10.63
CA PRO D 23 6.15 -33.27 11.59
C PRO D 23 6.17 -34.50 12.50
N LEU D 24 5.50 -34.39 13.64
CA LEU D 24 5.42 -35.46 14.62
C LEU D 24 3.96 -35.72 14.93
N CYS D 25 3.65 -36.93 15.37
CA CYS D 25 2.30 -37.32 15.69
C CYS D 25 2.28 -38.00 17.06
N HIS D 26 1.48 -37.47 17.98
CA HIS D 26 1.41 -38.02 19.34
C HIS D 26 1.08 -39.52 19.24
N PRO D 27 1.87 -40.37 19.91
CA PRO D 27 1.69 -41.84 19.90
C PRO D 27 0.35 -42.35 20.45
N LEU D 28 -0.36 -41.50 21.17
CA LEU D 28 -1.64 -41.88 21.75
C LEU D 28 -2.83 -41.43 20.90
N VAL D 29 -2.56 -40.93 19.69
CA VAL D 29 -3.63 -40.44 18.85
C VAL D 29 -4.78 -41.44 18.61
N GLU D 30 -4.45 -42.69 18.27
CA GLU D 30 -5.48 -43.70 18.04
C GLU D 30 -6.33 -43.88 19.29
N GLU D 31 -5.64 -44.05 20.42
CA GLU D 31 -6.29 -44.23 21.71
C GLU D 31 -7.17 -43.04 22.06
N VAL D 32 -6.60 -41.83 22.03
CA VAL D 32 -7.34 -40.61 22.36
C VAL D 32 -8.41 -40.25 21.33
N SER D 33 -8.16 -40.54 20.07
CA SER D 33 -9.14 -40.24 19.03
C SER D 33 -10.42 -41.04 19.24
N LYS D 34 -10.30 -42.36 19.29
CA LYS D 34 -11.48 -43.18 19.50
C LYS D 34 -12.12 -42.83 20.84
N GLU D 35 -11.31 -42.34 21.77
CA GLU D 35 -11.79 -41.95 23.09
C GLU D 35 -12.64 -40.68 23.01
N VAL D 36 -12.07 -39.66 22.37
CA VAL D 36 -12.73 -38.37 22.22
C VAL D 36 -13.85 -38.39 21.17
N ASP D 37 -13.78 -39.33 20.23
CA ASP D 37 -14.82 -39.45 19.22
C ASP D 37 -16.04 -40.08 19.84
N GLY D 38 -15.82 -41.21 20.53
CA GLY D 38 -16.90 -41.91 21.18
C GLY D 38 -17.72 -40.95 22.03
N TYR D 39 -17.03 -40.05 22.72
CA TYR D 39 -17.70 -39.08 23.58
C TYR D 39 -18.70 -38.20 22.83
N PHE D 40 -18.20 -37.41 21.89
CA PHE D 40 -19.05 -36.53 21.12
C PHE D 40 -20.17 -37.23 20.35
N LEU D 41 -19.92 -38.46 19.91
CA LEU D 41 -20.92 -39.23 19.19
C LEU D 41 -21.87 -39.85 20.19
N GLN D 42 -21.82 -39.37 21.43
CA GLN D 42 -22.66 -39.90 22.49
C GLN D 42 -23.56 -38.85 23.12
N HIS D 43 -23.12 -37.60 23.10
CA HIS D 43 -23.89 -36.51 23.69
C HIS D 43 -24.29 -35.48 22.65
N TRP D 44 -23.33 -35.09 21.82
CA TRP D 44 -23.55 -34.09 20.79
C TRP D 44 -24.58 -34.56 19.76
N ASN D 45 -25.24 -33.59 19.12
CA ASN D 45 -26.25 -33.86 18.10
C ASN D 45 -25.90 -33.14 16.80
N ASN D 48 -28.13 -35.99 10.72
CA ASN D 48 -28.07 -37.18 9.85
C ASN D 48 -26.85 -38.04 10.20
N GLU D 49 -27.09 -39.34 10.41
CA GLU D 49 -26.01 -40.26 10.75
C GLU D 49 -24.94 -40.25 9.67
N LYS D 50 -25.24 -39.60 8.55
CA LYS D 50 -24.29 -39.51 7.46
C LYS D 50 -23.15 -38.61 7.94
N ALA D 51 -23.48 -37.70 8.85
CA ALA D 51 -22.50 -36.79 9.42
C ALA D 51 -21.81 -37.50 10.59
N ARG D 52 -22.57 -38.37 11.24
CA ARG D 52 -22.09 -39.15 12.37
C ARG D 52 -20.86 -39.91 11.89
N LYS D 53 -20.75 -40.06 10.57
CA LYS D 53 -19.63 -40.75 9.95
C LYS D 53 -18.60 -39.71 9.50
N LYS D 54 -19.09 -38.57 9.03
CA LYS D 54 -18.22 -37.48 8.58
C LYS D 54 -17.35 -37.06 9.75
N PHE D 55 -17.89 -37.20 10.95
CA PHE D 55 -17.19 -36.83 12.17
C PHE D 55 -15.98 -37.73 12.40
N VAL D 56 -16.22 -39.03 12.55
CA VAL D 56 -15.15 -40.00 12.76
C VAL D 56 -14.08 -39.94 11.68
N ALA D 57 -14.45 -39.40 10.53
CA ALA D 57 -13.53 -39.29 9.39
C ALA D 57 -12.92 -37.89 9.31
N ALA D 58 -13.42 -36.98 10.14
CA ALA D 58 -12.94 -35.61 10.17
C ALA D 58 -11.54 -35.52 10.80
N GLY D 59 -11.23 -36.47 11.67
CA GLY D 59 -9.93 -36.50 12.33
C GLY D 59 -9.62 -35.27 13.17
N PHE D 60 -10.58 -34.86 13.98
CA PHE D 60 -10.42 -33.68 14.83
C PHE D 60 -9.33 -33.87 15.89
N SER D 61 -9.28 -35.05 16.49
CA SER D 61 -8.27 -35.34 17.48
C SER D 61 -6.94 -35.60 16.77
N ARG D 62 -7.01 -35.98 15.49
CA ARG D 62 -5.78 -36.24 14.74
C ARG D 62 -5.07 -34.93 14.45
N VAL D 63 -5.84 -33.87 14.20
CA VAL D 63 -5.24 -32.57 13.95
C VAL D 63 -4.51 -32.17 15.23
N THR D 64 -5.23 -32.30 16.33
CA THR D 64 -4.71 -31.97 17.65
C THR D 64 -3.39 -32.66 17.90
N CYS D 65 -3.33 -33.95 17.56
CA CYS D 65 -2.13 -34.74 17.80
C CYS D 65 -0.96 -34.40 16.90
N LEU D 66 -1.23 -33.73 15.78
CA LEU D 66 -0.16 -33.32 14.89
C LEU D 66 0.33 -31.97 15.42
N TYR D 67 -0.60 -31.18 15.96
CA TYR D 67 -0.25 -29.85 16.51
C TYR D 67 0.57 -29.90 17.79
N PHE D 68 0.19 -30.79 18.71
CA PHE D 68 0.89 -30.91 20.00
C PHE D 68 1.36 -32.35 20.22
N PRO D 69 2.23 -32.86 19.33
CA PRO D 69 2.72 -34.24 19.48
C PRO D 69 3.51 -34.47 20.77
N LYS D 70 3.90 -33.40 21.45
CA LYS D 70 4.63 -33.54 22.70
C LYS D 70 3.75 -33.18 23.87
N ALA D 71 2.44 -33.26 23.69
CA ALA D 71 1.54 -32.95 24.79
C ALA D 71 1.74 -34.07 25.80
N LEU D 72 1.52 -33.76 27.08
CA LEU D 72 1.65 -34.74 28.14
C LEU D 72 0.54 -35.77 27.92
N ASP D 73 0.87 -37.04 28.14
CA ASP D 73 -0.10 -38.13 27.94
C ASP D 73 -1.44 -37.90 28.62
N ASP D 74 -1.44 -37.36 29.83
CA ASP D 74 -2.69 -37.13 30.52
C ASP D 74 -3.33 -35.79 30.19
N ARG D 75 -2.77 -35.08 29.22
CA ARG D 75 -3.34 -33.80 28.84
C ARG D 75 -3.84 -33.74 27.41
N ILE D 76 -3.24 -34.54 26.54
CA ILE D 76 -3.60 -34.54 25.13
C ILE D 76 -5.11 -34.61 24.85
N HIS D 77 -5.84 -35.40 25.63
CA HIS D 77 -7.27 -35.52 25.43
C HIS D 77 -8.00 -34.21 25.70
N PHE D 78 -7.42 -33.35 26.53
CA PHE D 78 -8.04 -32.06 26.83
C PHE D 78 -8.01 -31.20 25.55
N ALA D 79 -6.83 -31.07 24.96
CA ALA D 79 -6.68 -30.30 23.73
C ALA D 79 -7.65 -30.80 22.67
N CYS D 80 -7.66 -32.12 22.48
CA CYS D 80 -8.54 -32.74 21.48
C CYS D 80 -9.99 -32.34 21.67
N ARG D 81 -10.49 -32.50 22.89
CA ARG D 81 -11.88 -32.17 23.18
C ARG D 81 -12.19 -30.71 22.92
N LEU D 82 -11.27 -29.83 23.28
CA LEU D 82 -11.46 -28.40 23.07
C LEU D 82 -11.57 -28.07 21.59
N LEU D 83 -10.63 -28.56 20.78
CA LEU D 83 -10.67 -28.27 19.36
C LEU D 83 -11.84 -28.97 18.68
N THR D 84 -12.10 -30.23 19.06
CA THR D 84 -13.20 -30.98 18.49
C THR D 84 -14.55 -30.28 18.67
N VAL D 85 -14.65 -29.44 19.70
CA VAL D 85 -15.88 -28.70 19.94
C VAL D 85 -15.78 -27.33 19.25
N LEU D 86 -14.58 -26.76 19.20
CA LEU D 86 -14.40 -25.47 18.54
C LEU D 86 -14.63 -25.64 17.03
N PHE D 87 -14.41 -26.85 16.53
CA PHE D 87 -14.64 -27.12 15.12
C PHE D 87 -16.12 -27.39 14.93
N LEU D 88 -16.67 -28.26 15.79
CA LEU D 88 -18.07 -28.60 15.75
C LEU D 88 -18.96 -27.36 15.81
N ILE D 89 -18.52 -26.36 16.57
CA ILE D 89 -19.29 -25.12 16.69
C ILE D 89 -19.07 -24.27 15.44
N ASP D 90 -17.83 -24.25 14.97
CA ASP D 90 -17.47 -23.48 13.79
C ASP D 90 -18.36 -23.83 12.60
N ASP D 91 -18.39 -25.12 12.27
CA ASP D 91 -19.20 -25.59 11.15
C ASP D 91 -20.67 -25.47 11.51
N LEU D 92 -20.96 -24.86 12.64
CA LEU D 92 -22.33 -24.67 13.09
C LEU D 92 -22.69 -23.20 12.90
N LEU D 93 -21.67 -22.35 12.90
CA LEU D 93 -21.86 -20.91 12.72
C LEU D 93 -22.13 -20.62 11.25
N GLU D 94 -21.64 -21.49 10.37
CA GLU D 94 -21.82 -21.35 8.94
C GLU D 94 -23.29 -21.38 8.56
N TYR D 95 -24.13 -21.82 9.50
CA TYR D 95 -25.56 -21.91 9.25
C TYR D 95 -26.40 -20.96 10.10
N MET D 96 -25.81 -19.83 10.48
CA MET D 96 -26.52 -18.84 11.29
C MET D 96 -25.88 -17.44 11.20
N SER D 97 -26.73 -16.42 11.24
CA SER D 97 -26.31 -15.03 11.14
C SER D 97 -25.44 -14.54 12.28
N PHE D 98 -24.71 -13.46 12.03
CA PHE D 98 -23.82 -12.85 13.01
C PHE D 98 -24.51 -12.70 14.36
N GLU D 99 -25.80 -12.35 14.32
CA GLU D 99 -26.59 -12.18 15.54
C GLU D 99 -26.69 -13.52 16.25
N GLU D 100 -27.19 -14.52 15.53
CA GLU D 100 -27.34 -15.87 16.04
C GLU D 100 -26.01 -16.37 16.61
N GLY D 101 -25.02 -16.52 15.75
CA GLY D 101 -23.73 -17.01 16.17
C GLY D 101 -23.12 -16.26 17.35
N SER D 102 -22.99 -14.94 17.23
CA SER D 102 -22.40 -14.12 18.29
C SER D 102 -23.01 -14.40 19.67
N ALA D 103 -24.32 -14.54 19.73
CA ALA D 103 -25.01 -14.82 20.99
C ALA D 103 -24.72 -16.26 21.40
N TYR D 104 -24.93 -17.18 20.46
CA TYR D 104 -24.71 -18.60 20.67
C TYR D 104 -23.37 -18.81 21.35
N ASN D 105 -22.34 -18.16 20.82
CA ASN D 105 -20.99 -18.26 21.35
C ASN D 105 -20.85 -17.56 22.69
N GLU D 106 -21.34 -16.32 22.76
CA GLU D 106 -21.24 -15.52 23.97
C GLU D 106 -21.91 -16.17 25.18
N LYS D 107 -22.91 -17.01 24.93
CA LYS D 107 -23.63 -17.67 26.01
C LYS D 107 -22.76 -18.77 26.63
N LEU D 108 -21.76 -19.22 25.87
CA LEU D 108 -20.87 -20.27 26.31
C LEU D 108 -19.65 -19.81 27.11
N ILE D 109 -19.33 -18.52 27.05
CA ILE D 109 -18.16 -18.02 27.77
C ILE D 109 -18.26 -18.10 29.31
N PRO D 110 -19.35 -17.58 29.89
CA PRO D 110 -19.50 -17.64 31.35
C PRO D 110 -19.61 -19.10 31.80
N ILE D 111 -20.26 -19.91 30.94
CA ILE D 111 -20.42 -21.33 31.21
C ILE D 111 -19.02 -21.94 31.22
N SER D 112 -18.15 -21.39 30.37
CA SER D 112 -16.77 -21.85 30.24
C SER D 112 -16.00 -21.45 31.50
N ARG D 113 -16.33 -20.29 32.04
CA ARG D 113 -15.67 -19.82 33.25
C ARG D 113 -16.24 -20.61 34.42
N GLY D 114 -17.47 -21.10 34.25
CA GLY D 114 -18.11 -21.85 35.30
C GLY D 114 -18.99 -20.98 36.17
N ASP D 115 -19.26 -19.76 35.72
CA ASP D 115 -20.11 -18.84 36.46
C ASP D 115 -21.59 -19.10 36.17
N VAL D 116 -21.84 -19.98 35.19
CA VAL D 116 -23.19 -20.33 34.81
C VAL D 116 -23.23 -21.82 34.51
N LEU D 117 -24.16 -22.53 35.15
CA LEU D 117 -24.32 -23.97 34.94
C LEU D 117 -24.98 -24.20 33.59
N PRO D 118 -24.74 -25.37 32.98
CA PRO D 118 -25.30 -25.72 31.67
C PRO D 118 -26.59 -26.52 31.73
N ASP D 119 -27.44 -26.35 30.73
CA ASP D 119 -28.69 -27.08 30.65
C ASP D 119 -28.36 -28.49 30.17
N ARG D 120 -28.35 -29.45 31.09
CA ARG D 120 -28.04 -30.83 30.78
C ARG D 120 -28.75 -31.37 29.54
N SER D 121 -29.70 -30.60 29.02
CA SER D 121 -30.45 -30.99 27.84
C SER D 121 -29.77 -30.47 26.57
N ILE D 122 -28.79 -29.59 26.75
CA ILE D 122 -28.06 -29.01 25.62
C ILE D 122 -26.61 -29.52 25.59
N PRO D 123 -26.31 -30.48 24.69
CA PRO D 123 -24.96 -31.03 24.59
C PRO D 123 -23.87 -29.98 24.55
N VAL D 124 -23.97 -29.02 23.62
CA VAL D 124 -22.95 -27.98 23.49
C VAL D 124 -22.63 -27.28 24.81
N GLU D 125 -23.64 -27.11 25.67
CA GLU D 125 -23.41 -26.42 26.93
C GLU D 125 -22.69 -27.27 27.97
N TYR D 126 -23.25 -28.42 28.33
CA TYR D 126 -22.60 -29.25 29.32
C TYR D 126 -21.26 -29.83 28.85
N ILE D 127 -21.08 -29.99 27.54
CA ILE D 127 -19.81 -30.49 27.03
C ILE D 127 -18.76 -29.44 27.38
N ILE D 128 -19.10 -28.17 27.15
CA ILE D 128 -18.22 -27.06 27.44
C ILE D 128 -17.97 -26.98 28.94
N TYR D 129 -19.06 -27.07 29.70
CA TYR D 129 -18.99 -26.99 31.16
C TYR D 129 -18.07 -28.04 31.75
N ASP D 130 -18.46 -29.30 31.58
CA ASP D 130 -17.69 -30.42 32.11
C ASP D 130 -16.24 -30.34 31.63
N LEU D 131 -16.08 -30.04 30.35
CA LEU D 131 -14.75 -29.95 29.76
C LEU D 131 -13.84 -29.00 30.55
N TRP D 132 -14.26 -27.75 30.73
CA TRP D 132 -13.44 -26.79 31.46
C TRP D 132 -13.29 -27.17 32.92
N GLU D 133 -14.31 -27.80 33.49
CA GLU D 133 -14.23 -28.23 34.88
C GLU D 133 -13.10 -29.25 35.02
N SER D 134 -13.06 -30.20 34.11
CA SER D 134 -12.03 -31.23 34.14
C SER D 134 -10.63 -30.65 33.95
N MET D 135 -10.53 -29.54 33.21
CA MET D 135 -9.24 -28.91 32.99
C MET D 135 -8.75 -28.19 34.25
N ARG D 136 -9.65 -27.47 34.92
CA ARG D 136 -9.29 -26.79 36.16
C ARG D 136 -8.90 -27.83 37.20
N ALA D 137 -9.72 -28.86 37.32
CA ALA D 137 -9.48 -29.95 38.25
C ALA D 137 -8.12 -30.60 38.01
N HIS D 138 -7.64 -30.58 36.77
CA HIS D 138 -6.34 -31.19 36.48
C HIS D 138 -5.19 -30.22 36.77
N ASP D 139 -5.42 -28.93 36.50
CA ASP D 139 -4.40 -27.88 36.71
C ASP D 139 -5.10 -26.53 36.61
N ARG D 140 -5.69 -26.11 37.72
CA ARG D 140 -6.42 -24.86 37.79
C ARG D 140 -5.68 -23.65 37.22
N GLU D 141 -4.46 -23.41 37.71
CA GLU D 141 -3.69 -22.26 37.25
C GLU D 141 -3.59 -22.23 35.74
N MET D 142 -2.93 -23.23 35.16
CA MET D 142 -2.75 -23.28 33.71
C MET D 142 -4.06 -23.29 32.95
N ALA D 143 -5.08 -23.91 33.53
CA ALA D 143 -6.40 -23.97 32.89
C ALA D 143 -7.01 -22.57 32.83
N ASP D 144 -6.78 -21.77 33.86
CA ASP D 144 -7.32 -20.42 33.89
C ASP D 144 -6.63 -19.53 32.86
N GLU D 145 -5.34 -19.78 32.63
CA GLU D 145 -4.54 -19.02 31.67
C GLU D 145 -5.01 -19.17 30.22
N ILE D 146 -5.76 -20.24 29.93
CA ILE D 146 -6.25 -20.49 28.58
C ILE D 146 -7.60 -19.81 28.34
N LEU D 147 -8.25 -19.39 29.41
CA LEU D 147 -9.56 -18.75 29.32
C LEU D 147 -9.60 -17.60 28.30
N GLU D 148 -8.83 -16.55 28.56
CA GLU D 148 -8.82 -15.37 27.69
C GLU D 148 -8.45 -15.68 26.23
N PRO D 149 -7.39 -16.48 26.02
CA PRO D 149 -7.02 -16.80 24.64
C PRO D 149 -8.18 -17.44 23.89
N VAL D 150 -8.88 -18.35 24.56
CA VAL D 150 -10.02 -19.00 23.93
C VAL D 150 -11.14 -18.01 23.67
N PHE D 151 -11.42 -17.14 24.64
CA PHE D 151 -12.49 -16.16 24.47
C PHE D 151 -12.22 -15.25 23.28
N LEU D 152 -10.98 -14.79 23.15
CA LEU D 152 -10.62 -13.93 22.02
C LEU D 152 -10.95 -14.66 20.71
N PHE D 153 -10.55 -15.93 20.62
CA PHE D 153 -10.81 -16.71 19.42
C PHE D 153 -12.31 -16.80 19.11
N MET D 154 -13.09 -17.19 20.11
CA MET D 154 -14.53 -17.33 19.95
C MET D 154 -15.20 -16.01 19.58
N ARG D 155 -14.76 -14.92 20.19
CA ARG D 155 -15.32 -13.60 19.90
C ARG D 155 -15.16 -13.25 18.43
N ALA D 156 -13.93 -13.34 17.93
CA ALA D 156 -13.63 -13.03 16.54
C ALA D 156 -14.47 -13.85 15.58
N GLN D 157 -14.70 -15.12 15.91
CA GLN D 157 -15.48 -16.00 15.04
C GLN D 157 -16.79 -15.36 14.59
N THR D 158 -17.38 -14.53 15.44
CA THR D 158 -18.64 -13.87 15.13
C THR D 158 -18.58 -13.08 13.82
N ASP D 159 -18.30 -11.78 13.92
CA ASP D 159 -18.22 -10.93 12.73
C ASP D 159 -16.97 -11.23 11.91
N ARG D 162 -11.51 -5.91 9.22
CA ARG D 162 -11.67 -4.53 8.77
C ARG D 162 -12.02 -4.43 7.28
N ALA D 163 -12.48 -3.24 6.88
CA ALA D 163 -12.83 -2.98 5.50
C ALA D 163 -12.00 -1.79 5.04
N ARG D 164 -10.85 -2.07 4.44
CA ARG D 164 -9.96 -1.01 3.97
C ARG D 164 -8.84 -1.55 3.08
N PRO D 165 -8.08 -0.64 2.44
CA PRO D 165 -6.99 -1.06 1.56
C PRO D 165 -5.99 -1.98 2.27
N MET D 166 -5.97 -3.25 1.87
CA MET D 166 -5.04 -4.23 2.45
C MET D 166 -4.16 -4.88 1.40
N GLY D 167 -2.88 -4.57 1.45
CA GLY D 167 -1.93 -5.14 0.51
C GLY D 167 -1.31 -6.36 1.16
N LEU D 168 -0.36 -6.97 0.49
CA LEU D 168 0.30 -8.16 1.01
C LEU D 168 1.01 -7.89 2.34
N GLY D 169 1.72 -6.77 2.42
CA GLY D 169 2.45 -6.42 3.64
C GLY D 169 1.51 -6.21 4.82
N GLY D 170 0.44 -5.46 4.59
CA GLY D 170 -0.51 -5.22 5.66
C GLY D 170 -1.11 -6.54 6.12
N TYR D 171 -1.49 -7.38 5.17
CA TYR D 171 -2.11 -8.66 5.47
C TYR D 171 -1.23 -9.57 6.31
N LEU D 172 0.03 -9.71 5.93
CA LEU D 172 0.95 -10.57 6.69
C LEU D 172 1.22 -9.98 8.07
N GLU D 173 1.36 -8.67 8.17
CA GLU D 173 1.59 -8.07 9.49
C GLU D 173 0.37 -8.39 10.37
N TYR D 174 -0.80 -8.26 9.77
CA TYR D 174 -2.05 -8.54 10.44
C TYR D 174 -2.08 -10.02 10.89
N ARG D 175 -1.58 -10.92 10.06
CA ARG D 175 -1.57 -12.33 10.44
C ARG D 175 -0.52 -12.69 11.47
N GLU D 176 0.44 -11.80 11.70
CA GLU D 176 1.47 -12.06 12.71
C GLU D 176 0.82 -12.06 14.09
N ARG D 177 -0.39 -11.52 14.17
CA ARG D 177 -1.13 -11.39 15.42
C ARG D 177 -2.43 -12.18 15.43
N ASP D 178 -2.55 -13.18 14.55
CA ASP D 178 -3.78 -13.97 14.49
C ASP D 178 -4.15 -14.59 15.85
N VAL D 179 -5.43 -14.48 16.21
CA VAL D 179 -5.91 -15.02 17.48
C VAL D 179 -5.88 -16.54 17.53
N GLY D 180 -6.37 -17.17 16.46
CA GLY D 180 -6.37 -18.62 16.39
C GLY D 180 -4.99 -19.19 16.59
N LYS D 181 -3.99 -18.48 16.08
CA LYS D 181 -2.61 -18.91 16.22
C LYS D 181 -2.21 -18.71 17.66
N GLU D 182 -2.71 -17.62 18.25
CA GLU D 182 -2.45 -17.30 19.65
C GLU D 182 -3.04 -18.42 20.51
N LEU D 183 -4.22 -18.88 20.14
CA LEU D 183 -4.90 -19.94 20.86
C LEU D 183 -4.10 -21.23 20.90
N LEU D 184 -3.52 -21.61 19.75
CA LEU D 184 -2.74 -22.85 19.66
C LEU D 184 -1.53 -22.84 20.58
N ALA D 185 -0.85 -21.70 20.67
CA ALA D 185 0.33 -21.58 21.51
C ALA D 185 -0.06 -21.63 22.98
N ALA D 186 -1.24 -21.10 23.29
CA ALA D 186 -1.71 -21.11 24.65
C ALA D 186 -2.12 -22.54 25.00
N LEU D 187 -2.86 -23.18 24.10
CA LEU D 187 -3.32 -24.54 24.30
C LEU D 187 -2.12 -25.50 24.36
N MET D 188 -1.09 -25.22 23.54
CA MET D 188 0.10 -26.05 23.52
C MET D 188 0.82 -26.00 24.86
N ARG D 189 0.99 -24.79 25.38
CA ARG D 189 1.67 -24.61 26.65
C ARG D 189 0.95 -25.43 27.73
N PHE D 190 -0.38 -25.37 27.72
CA PHE D 190 -1.18 -26.11 28.69
C PHE D 190 -1.01 -27.62 28.53
N SER D 191 -1.07 -28.08 27.28
CA SER D 191 -0.93 -29.50 26.97
C SER D 191 0.41 -30.10 27.37
N MET D 192 1.45 -29.28 27.30
CA MET D 192 2.80 -29.74 27.64
C MET D 192 3.16 -29.36 29.07
N GLY D 193 2.23 -28.75 29.79
CA GLY D 193 2.52 -28.34 31.15
C GLY D 193 3.72 -27.40 31.17
N LEU D 194 3.83 -26.57 30.13
CA LEU D 194 4.92 -25.62 30.00
C LEU D 194 4.57 -24.26 30.63
N LYS D 195 5.18 -23.97 31.77
CA LYS D 195 4.96 -22.69 32.45
C LYS D 195 6.03 -21.70 31.98
N LEU D 196 5.59 -20.63 31.34
CA LEU D 196 6.50 -19.61 30.83
C LEU D 196 6.09 -18.22 31.31
N SER D 197 7.06 -17.45 31.78
CA SER D 197 6.80 -16.10 32.26
C SER D 197 6.65 -15.10 31.11
N PRO D 198 5.88 -14.02 31.32
CA PRO D 198 5.67 -13.00 30.29
C PRO D 198 7.02 -12.49 29.83
N SER D 199 8.00 -12.65 30.72
CA SER D 199 9.38 -12.25 30.47
C SER D 199 10.01 -13.13 29.40
N GLU D 200 9.92 -14.45 29.59
CA GLU D 200 10.49 -15.39 28.64
C GLU D 200 9.78 -15.26 27.29
N LEU D 201 8.47 -15.06 27.35
CA LEU D 201 7.69 -14.95 26.12
C LEU D 201 8.09 -13.75 25.27
N GLN D 202 8.41 -12.64 25.95
CA GLN D 202 8.82 -11.42 25.24
C GLN D 202 9.98 -11.70 24.31
N ARG D 203 10.92 -12.51 24.78
CA ARG D 203 12.11 -12.86 24.01
C ARG D 203 11.81 -13.58 22.70
N VAL D 204 10.60 -14.13 22.57
CA VAL D 204 10.26 -14.89 21.35
C VAL D 204 9.13 -14.29 20.53
N ARG D 205 8.90 -13.00 20.67
CA ARG D 205 7.85 -12.33 19.91
C ARG D 205 8.08 -12.47 18.39
N GLU D 206 9.33 -12.30 17.94
CA GLU D 206 9.62 -12.41 16.50
C GLU D 206 9.31 -13.81 16.01
N ILE D 207 9.74 -14.79 16.80
CA ILE D 207 9.51 -16.19 16.46
C ILE D 207 8.00 -16.43 16.44
N ASP D 208 7.30 -15.89 17.44
CA ASP D 208 5.85 -16.05 17.48
C ASP D 208 5.15 -15.45 16.26
N ALA D 209 5.54 -14.23 15.90
CA ALA D 209 4.93 -13.55 14.76
C ALA D 209 5.21 -14.34 13.48
N ASN D 210 6.47 -14.73 13.31
CA ASN D 210 6.91 -15.50 12.15
C ASN D 210 6.09 -16.79 12.01
N CYS D 211 5.92 -17.49 13.13
CA CYS D 211 5.17 -18.73 13.14
C CYS D 211 3.71 -18.46 12.78
N SER D 212 3.14 -17.43 13.38
CA SER D 212 1.75 -17.07 13.10
C SER D 212 1.53 -16.90 11.58
N LYS D 213 2.46 -16.21 10.92
CA LYS D 213 2.38 -15.99 9.48
C LYS D 213 2.34 -17.33 8.74
N HIS D 214 3.30 -18.20 9.05
CA HIS D 214 3.41 -19.53 8.42
C HIS D 214 2.11 -20.33 8.55
N LEU D 215 1.57 -20.41 9.77
CA LEU D 215 0.33 -21.15 9.99
C LEU D 215 -0.80 -20.63 9.12
N SER D 216 -0.98 -19.31 9.14
CA SER D 216 -2.04 -18.65 8.38
C SER D 216 -1.93 -18.82 6.87
N VAL D 217 -0.74 -18.63 6.32
CA VAL D 217 -0.55 -18.73 4.88
C VAL D 217 -0.73 -20.16 4.35
N VAL D 218 -0.24 -21.14 5.11
CA VAL D 218 -0.40 -22.53 4.69
C VAL D 218 -1.91 -22.78 4.68
N ASN D 219 -2.59 -22.26 5.70
CA ASN D 219 -4.04 -22.43 5.78
C ASN D 219 -4.69 -21.73 4.58
N ASP D 220 -4.26 -20.50 4.28
CA ASP D 220 -4.80 -19.77 3.13
C ASP D 220 -4.64 -20.62 1.86
N ILE D 221 -3.44 -21.16 1.64
CA ILE D 221 -3.16 -21.96 0.45
C ILE D 221 -4.12 -23.13 0.24
N TYR D 222 -4.40 -23.89 1.30
CA TYR D 222 -5.28 -25.05 1.18
C TYR D 222 -6.76 -24.80 1.31
N SER D 223 -7.12 -23.79 2.09
CA SER D 223 -8.51 -23.47 2.32
C SER D 223 -9.06 -22.50 1.29
N TYR D 224 -8.26 -22.16 0.28
CA TYR D 224 -8.70 -21.22 -0.73
C TYR D 224 -10.01 -21.64 -1.40
N GLU D 225 -10.15 -22.94 -1.67
CA GLU D 225 -11.34 -23.47 -2.31
C GLU D 225 -12.58 -23.27 -1.45
N LYS D 226 -12.52 -23.77 -0.23
CA LYS D 226 -13.63 -23.66 0.71
C LYS D 226 -14.10 -22.22 0.88
N GLU D 227 -13.15 -21.34 1.18
CA GLU D 227 -13.45 -19.93 1.39
C GLU D 227 -14.06 -19.30 0.15
N LEU D 228 -13.49 -19.57 -1.01
CA LEU D 228 -14.00 -19.04 -2.26
C LEU D 228 -15.33 -19.72 -2.58
N TYR D 229 -15.50 -20.91 -2.01
CA TYR D 229 -16.71 -21.72 -2.21
C TYR D 229 -17.34 -21.53 -3.59
N LEU D 241 -12.73 -11.58 -0.54
CA LEU D 241 -12.37 -12.22 0.73
C LEU D 241 -10.94 -11.86 1.15
N CYS D 242 -10.66 -12.05 2.43
CA CYS D 242 -9.35 -11.73 3.01
C CYS D 242 -8.41 -12.93 3.10
N THR D 243 -7.52 -13.06 2.12
CA THR D 243 -6.58 -14.17 2.10
C THR D 243 -5.34 -13.87 1.24
N SER D 244 -4.18 -14.31 1.72
CA SER D 244 -2.93 -14.07 1.01
C SER D 244 -2.95 -14.52 -0.45
N VAL D 245 -3.62 -15.65 -0.72
CA VAL D 245 -3.74 -16.20 -2.07
C VAL D 245 -4.33 -15.21 -3.07
N GLN D 246 -5.47 -14.64 -2.71
CA GLN D 246 -6.16 -13.67 -3.53
C GLN D 246 -5.35 -12.38 -3.69
N ILE D 247 -4.81 -11.90 -2.57
CA ILE D 247 -4.01 -10.67 -2.57
C ILE D 247 -2.77 -10.80 -3.46
N LEU D 248 -1.98 -11.86 -3.26
CA LEU D 248 -0.78 -12.03 -4.08
C LEU D 248 -1.17 -12.21 -5.54
N ALA D 249 -2.29 -12.90 -5.79
CA ALA D 249 -2.73 -13.12 -7.15
C ALA D 249 -2.99 -11.80 -7.85
N GLN D 250 -3.62 -10.85 -7.16
CA GLN D 250 -3.90 -9.54 -7.74
C GLN D 250 -2.65 -8.67 -7.87
N GLU D 251 -1.80 -8.70 -6.86
CA GLU D 251 -0.59 -7.88 -6.89
C GLU D 251 0.43 -8.32 -7.94
N ALA D 252 0.56 -9.64 -8.14
CA ALA D 252 1.52 -10.16 -9.11
C ALA D 252 0.82 -10.43 -10.43
N ASP D 253 -0.50 -10.33 -10.42
CA ASP D 253 -1.30 -10.57 -11.61
C ASP D 253 -1.07 -11.96 -12.20
N VAL D 254 -1.29 -12.99 -11.37
CA VAL D 254 -1.18 -14.39 -11.76
C VAL D 254 -2.41 -15.08 -11.21
N THR D 255 -2.56 -16.37 -11.51
CA THR D 255 -3.69 -17.13 -11.01
C THR D 255 -3.57 -17.45 -9.53
N ALA D 256 -4.68 -17.85 -8.93
CA ALA D 256 -4.69 -18.21 -7.52
C ALA D 256 -3.73 -19.38 -7.29
N GLU D 257 -3.72 -20.34 -8.21
CA GLU D 257 -2.83 -21.50 -8.09
C GLU D 257 -1.37 -21.10 -8.21
N ALA D 258 -1.09 -20.16 -9.10
CA ALA D 258 0.27 -19.69 -9.28
C ALA D 258 0.67 -19.00 -7.97
N ALA D 259 -0.30 -18.30 -7.38
CA ALA D 259 -0.09 -17.58 -6.14
C ALA D 259 0.27 -18.52 -5.00
N LYS D 260 -0.48 -19.63 -4.89
CA LYS D 260 -0.23 -20.65 -3.85
C LYS D 260 1.22 -21.15 -3.91
N ARG D 261 1.73 -21.34 -5.13
CA ARG D 261 3.10 -21.82 -5.32
C ARG D 261 4.13 -20.84 -4.80
N VAL D 262 3.93 -19.56 -5.09
CA VAL D 262 4.87 -18.54 -4.65
C VAL D 262 4.80 -18.44 -3.13
N LEU D 263 3.59 -18.42 -2.58
CA LEU D 263 3.43 -18.34 -1.14
C LEU D 263 4.06 -19.55 -0.44
N PHE D 264 3.94 -20.72 -1.04
CA PHE D 264 4.51 -21.91 -0.44
C PHE D 264 6.02 -21.73 -0.26
N VAL D 265 6.66 -21.10 -1.24
CA VAL D 265 8.09 -20.87 -1.15
C VAL D 265 8.38 -19.81 -0.08
N MET D 266 7.47 -18.85 0.11
CA MET D 266 7.67 -17.82 1.13
C MET D 266 7.61 -18.52 2.50
N CYS D 267 6.74 -19.53 2.59
CA CYS D 267 6.64 -20.31 3.83
C CYS D 267 7.95 -21.02 4.14
N ARG D 268 8.64 -21.49 3.10
CA ARG D 268 9.92 -22.16 3.32
C ARG D 268 10.94 -21.15 3.85
N GLU D 269 10.83 -19.89 3.43
CA GLU D 269 11.74 -18.87 3.91
C GLU D 269 11.44 -18.55 5.37
N TRP D 270 10.16 -18.61 5.76
CA TRP D 270 9.83 -18.34 7.15
C TRP D 270 10.35 -19.49 8.03
N GLU D 271 10.35 -20.71 7.47
CA GLU D 271 10.86 -21.86 8.20
C GLU D 271 12.35 -21.65 8.47
N LEU D 272 13.07 -21.17 7.46
CA LEU D 272 14.50 -20.91 7.58
C LEU D 272 14.73 -19.82 8.64
N ARG D 273 13.93 -18.76 8.57
CA ARG D 273 14.02 -17.66 9.51
C ARG D 273 13.78 -18.14 10.94
N HIS D 274 12.81 -19.04 11.10
CA HIS D 274 12.52 -19.61 12.42
C HIS D 274 13.79 -20.22 12.98
N GLN D 275 14.47 -21.00 12.16
CA GLN D 275 15.69 -21.66 12.60
C GLN D 275 16.77 -20.64 12.96
N LEU D 276 16.85 -19.57 12.18
CA LEU D 276 17.86 -18.54 12.42
C LEU D 276 17.59 -17.83 13.74
N LEU D 277 16.31 -17.58 14.01
CA LEU D 277 15.91 -16.90 15.21
C LEU D 277 16.16 -17.78 16.43
N VAL D 278 15.81 -19.06 16.30
CA VAL D 278 16.03 -19.99 17.40
C VAL D 278 17.52 -20.03 17.70
N ALA D 279 18.33 -20.01 16.66
CA ALA D 279 19.78 -20.05 16.81
C ALA D 279 20.29 -18.80 17.52
N ARG D 280 19.71 -17.65 17.19
CA ARG D 280 20.12 -16.39 17.81
C ARG D 280 19.70 -16.33 19.27
N LEU D 281 18.50 -16.80 19.57
CA LEU D 281 18.01 -16.78 20.95
C LEU D 281 19.03 -17.52 21.83
N SER D 282 19.49 -18.64 21.31
CA SER D 282 20.47 -19.49 21.97
C SER D 282 21.82 -18.79 22.11
N ALA D 283 22.35 -18.31 21.00
CA ALA D 283 23.64 -17.63 20.96
C ALA D 283 23.70 -16.42 21.89
N GLU D 284 22.63 -15.63 21.91
CA GLU D 284 22.63 -14.44 22.76
C GLU D 284 22.37 -14.84 24.22
N GLY D 285 22.44 -16.13 24.49
CA GLY D 285 22.23 -16.65 25.83
C GLY D 285 20.90 -16.27 26.48
N LEU D 286 19.83 -16.30 25.70
CA LEU D 286 18.50 -15.95 26.20
C LEU D 286 17.55 -17.13 26.27
N GLU D 287 18.04 -18.30 25.91
CA GLU D 287 17.22 -19.51 25.91
C GLU D 287 17.17 -20.20 27.27
N THR D 288 15.96 -20.58 27.68
CA THR D 288 15.77 -21.30 28.93
C THR D 288 15.31 -22.69 28.51
N PRO D 289 15.28 -23.65 29.43
CA PRO D 289 14.81 -24.97 29.00
C PRO D 289 13.36 -24.91 28.53
N GLY D 290 12.54 -24.15 29.26
CA GLY D 290 11.15 -24.02 28.90
C GLY D 290 10.95 -23.38 27.55
N LEU D 291 11.82 -22.41 27.24
CA LEU D 291 11.77 -21.68 25.98
C LEU D 291 12.21 -22.57 24.82
N ALA D 292 13.22 -23.40 25.06
CA ALA D 292 13.71 -24.32 24.03
C ALA D 292 12.58 -25.24 23.60
N ALA D 293 11.89 -25.80 24.57
CA ALA D 293 10.77 -26.70 24.28
C ALA D 293 9.71 -25.93 23.53
N TYR D 294 9.43 -24.71 23.98
CA TYR D 294 8.42 -23.86 23.35
C TYR D 294 8.64 -23.64 21.86
N VAL D 295 9.83 -23.20 21.48
CA VAL D 295 10.13 -22.94 20.08
C VAL D 295 10.12 -24.20 19.22
N GLU D 296 10.53 -25.33 19.80
CA GLU D 296 10.52 -26.59 19.07
C GLU D 296 9.04 -26.94 18.82
N GLY D 297 8.20 -26.72 19.82
CA GLY D 297 6.78 -27.00 19.68
C GLY D 297 6.13 -26.18 18.57
N LEU D 298 6.54 -24.93 18.44
CA LEU D 298 5.99 -24.07 17.40
C LEU D 298 6.30 -24.68 16.03
N GLU D 299 7.48 -25.29 15.91
CA GLU D 299 7.87 -25.94 14.67
C GLU D 299 6.90 -27.08 14.35
N TYR D 300 6.53 -27.86 15.37
CA TYR D 300 5.62 -28.98 15.18
C TYR D 300 4.27 -28.46 14.69
N GLN D 301 3.83 -27.35 15.29
CA GLN D 301 2.58 -26.76 14.87
C GLN D 301 2.63 -26.42 13.38
N MET D 302 3.72 -25.77 12.96
CA MET D 302 3.85 -25.38 11.57
C MET D 302 3.82 -26.57 10.62
N SER D 303 4.66 -27.57 10.86
CA SER D 303 4.73 -28.77 10.00
C SER D 303 3.46 -29.61 10.10
N GLY D 304 2.90 -29.71 11.30
CA GLY D 304 1.68 -30.48 11.48
C GLY D 304 0.54 -29.83 10.71
N ASN D 305 0.41 -28.51 10.86
CA ASN D 305 -0.63 -27.76 10.19
C ASN D 305 -0.57 -28.03 8.69
N GLU D 306 0.64 -28.14 8.15
CA GLU D 306 0.78 -28.40 6.72
C GLU D 306 0.31 -29.81 6.33
N LEU D 307 0.73 -30.81 7.10
CA LEU D 307 0.35 -32.18 6.82
C LEU D 307 -1.17 -32.28 6.81
N TRP D 308 -1.78 -31.82 7.89
CA TRP D 308 -3.23 -31.86 8.00
C TRP D 308 -3.98 -31.13 6.87
N SER D 309 -3.55 -29.90 6.58
CA SER D 309 -4.20 -29.10 5.55
C SER D 309 -4.21 -29.78 4.20
N GLN D 310 -3.16 -30.54 3.92
CA GLN D 310 -3.02 -31.26 2.65
C GLN D 310 -3.90 -32.49 2.57
N THR D 311 -4.18 -33.10 3.73
CA THR D 311 -4.96 -34.34 3.77
C THR D 311 -6.45 -34.27 4.09
N THR D 312 -6.86 -33.38 4.99
CA THR D 312 -8.26 -33.27 5.37
C THR D 312 -9.21 -32.98 4.22
N LEU D 313 -10.43 -33.50 4.36
CA LEU D 313 -11.45 -33.28 3.35
C LEU D 313 -12.21 -32.01 3.73
N ARG D 314 -11.82 -31.41 4.85
CA ARG D 314 -12.42 -30.17 5.30
C ARG D 314 -12.24 -29.16 4.15
N TYR D 315 -11.12 -29.27 3.45
CA TYR D 315 -10.84 -28.40 2.32
C TYR D 315 -10.98 -29.22 1.05
N SER D 316 -11.72 -30.33 1.17
CA SER D 316 -11.99 -31.26 0.08
C SER D 316 -10.75 -31.67 -0.71
N VAL D 317 -10.06 -32.71 -0.26
CA VAL D 317 -8.86 -33.18 -0.95
C VAL D 317 -9.19 -33.68 -2.35
#